data_2L60
#
_entry.id   2L60
#
_entity_poly.entity_id   1
_entity_poly.type   'polypeptide(L)'
_entity_poly.pdbx_seq_one_letter_code
;YLERELKKLERELKKLSPEELNRYYASLRHYLNLVTRQRY(NH2)
;
_entity_poly.pdbx_strand_id   A
#
# COMPACT_ATOMS: atom_id res chain seq x y z
N TYR A 1 1.51 -18.99 0.49
CA TYR A 1 0.73 -19.67 -0.56
C TYR A 1 -0.78 -19.44 -0.34
N LEU A 2 -1.20 -18.17 -0.19
CA LEU A 2 -2.60 -17.81 0.07
C LEU A 2 -3.15 -16.92 -1.05
N GLU A 3 -3.07 -17.43 -2.30
CA GLU A 3 -3.59 -16.76 -3.49
C GLU A 3 -5.12 -16.62 -3.47
N ARG A 4 -5.85 -17.67 -3.05
CA ARG A 4 -7.30 -17.64 -2.93
C ARG A 4 -7.75 -16.65 -1.87
N GLU A 5 -7.20 -16.78 -0.65
CA GLU A 5 -7.48 -15.86 0.45
C GLU A 5 -7.17 -14.41 0.07
N LEU A 6 -6.13 -14.17 -0.74
CA LEU A 6 -5.81 -12.85 -1.28
C LEU A 6 -7.03 -12.16 -1.90
N LYS A 7 -7.87 -12.89 -2.65
CA LYS A 7 -9.11 -12.37 -3.21
C LYS A 7 -10.10 -11.98 -2.09
N LYS A 8 -10.27 -12.85 -1.09
CA LYS A 8 -11.07 -12.59 0.11
C LYS A 8 -10.50 -11.43 0.97
N LEU A 9 -9.22 -11.11 0.79
CA LEU A 9 -8.50 -10.03 1.44
C LEU A 9 -8.72 -8.71 0.70
N GLU A 10 -8.40 -8.63 -0.60
CA GLU A 10 -8.62 -7.43 -1.41
C GLU A 10 -10.08 -6.99 -1.35
N ARG A 11 -11.04 -7.94 -1.29
CA ARG A 11 -12.46 -7.66 -1.09
C ARG A 11 -12.77 -6.96 0.24
N GLU A 12 -12.05 -7.27 1.31
CA GLU A 12 -12.24 -6.60 2.60
C GLU A 12 -11.47 -5.28 2.65
N LEU A 13 -10.19 -5.25 2.26
CA LEU A 13 -9.38 -4.02 2.15
C LEU A 13 -10.08 -2.97 1.27
N LYS A 14 -10.70 -3.39 0.15
CA LYS A 14 -11.51 -2.54 -0.73
C LYS A 14 -12.59 -1.74 0.00
N LYS A 15 -12.99 -2.11 1.23
CA LYS A 15 -13.84 -1.31 2.10
C LYS A 15 -13.42 0.17 2.13
N LEU A 16 -12.12 0.44 2.19
CA LEU A 16 -11.56 1.78 2.07
C LEU A 16 -11.21 2.06 0.61
N SER A 17 -11.47 3.29 0.16
CA SER A 17 -11.22 3.76 -1.21
C SER A 17 -9.85 3.31 -1.73
N PRO A 18 -9.80 2.44 -2.76
CA PRO A 18 -8.55 1.94 -3.31
C PRO A 18 -7.75 3.04 -4.05
N GLU A 19 -8.37 4.21 -4.27
CA GLU A 19 -7.71 5.40 -4.83
C GLU A 19 -7.15 6.31 -3.72
N GLU A 20 -7.74 6.31 -2.52
CA GLU A 20 -7.29 7.15 -1.39
C GLU A 20 -5.96 6.60 -0.83
N LEU A 21 -5.85 5.28 -0.71
CA LEU A 21 -4.62 4.64 -0.27
C LEU A 21 -3.48 4.97 -1.23
N ASN A 22 -3.65 4.79 -2.55
CA ASN A 22 -2.63 5.09 -3.56
C ASN A 22 -2.12 6.54 -3.48
N ARG A 23 -3.04 7.50 -3.21
CA ARG A 23 -2.69 8.90 -2.93
C ARG A 23 -1.69 9.01 -1.76
N TYR A 24 -2.05 8.43 -0.61
CA TYR A 24 -1.21 8.38 0.58
C TYR A 24 0.03 7.49 0.39
N TYR A 25 0.00 6.58 -0.59
CA TYR A 25 1.08 5.69 -0.94
C TYR A 25 2.16 6.43 -1.71
N ALA A 26 1.81 7.22 -2.73
CA ALA A 26 2.80 7.97 -3.51
C ALA A 26 3.54 8.99 -2.62
N SER A 27 2.83 9.69 -1.73
CA SER A 27 3.41 10.60 -0.73
C SER A 27 4.24 9.89 0.35
N LEU A 28 4.19 8.55 0.41
CA LEU A 28 5.04 7.71 1.26
C LEU A 28 6.18 7.07 0.47
N ARG A 29 5.95 6.63 -0.77
CA ARG A 29 6.97 6.04 -1.65
C ARG A 29 8.03 7.08 -2.02
N HIS A 30 7.60 8.29 -2.39
CA HIS A 30 8.52 9.39 -2.75
C HIS A 30 9.42 9.78 -1.57
N TYR A 31 8.92 9.62 -0.33
CA TYR A 31 9.72 9.70 0.87
C TYR A 31 10.80 8.62 0.83
N LEU A 32 10.43 7.33 0.83
CA LEU A 32 11.39 6.22 0.95
C LEU A 32 12.53 6.26 -0.09
N ASN A 33 12.24 6.87 -1.26
CA ASN A 33 13.18 7.24 -2.33
C ASN A 33 14.43 8.00 -1.81
N LEU A 34 14.29 8.78 -0.73
CA LEU A 34 15.37 9.48 -0.03
C LEU A 34 15.30 9.45 1.51
N VAL A 35 14.33 8.74 2.09
CA VAL A 35 14.15 8.53 3.54
C VAL A 35 14.75 7.21 4.01
N THR A 36 14.98 6.28 3.08
CA THR A 36 15.54 4.95 3.38
C THR A 36 16.97 4.82 2.89
N ARG A 37 17.35 5.60 1.85
CA ARG A 37 18.71 5.68 1.28
C ARG A 37 19.82 6.03 2.28
N GLN A 38 19.41 6.49 3.46
CA GLN A 38 20.25 6.87 4.60
C GLN A 38 19.72 6.34 5.95
N ARG A 39 18.71 5.47 5.93
CA ARG A 39 18.01 4.93 7.11
C ARG A 39 17.30 3.61 6.77
N TYR A 40 18.11 2.59 6.42
CA TYR A 40 17.65 1.22 6.23
C TYR A 40 17.39 0.49 7.56
N TYR A 1 4.96 -12.54 1.94
CA TYR A 1 5.46 -13.11 0.66
C TYR A 1 4.33 -13.19 -0.35
N LEU A 2 3.21 -13.82 0.02
CA LEU A 2 2.02 -13.94 -0.80
C LEU A 2 1.29 -12.58 -0.90
N GLU A 3 1.90 -11.60 -1.58
CA GLU A 3 1.32 -10.27 -1.76
C GLU A 3 -0.08 -10.36 -2.37
N ARG A 4 -0.29 -11.29 -3.31
CA ARG A 4 -1.62 -11.54 -3.90
C ARG A 4 -2.70 -11.90 -2.86
N GLU A 5 -2.32 -12.37 -1.66
CA GLU A 5 -3.24 -12.64 -0.56
C GLU A 5 -3.86 -11.35 -0.01
N LEU A 6 -3.11 -10.22 -0.05
CA LEU A 6 -3.62 -8.90 0.28
C LEU A 6 -4.79 -8.52 -0.64
N LYS A 7 -4.81 -9.01 -1.88
CA LYS A 7 -5.85 -8.64 -2.84
C LYS A 7 -7.20 -9.20 -2.42
N LYS A 8 -7.19 -10.40 -1.81
CA LYS A 8 -8.35 -11.01 -1.18
C LYS A 8 -8.69 -10.41 0.20
N LEU A 9 -7.82 -9.53 0.72
CA LEU A 9 -7.97 -8.81 1.99
C LEU A 9 -8.58 -7.42 1.76
N GLU A 10 -7.98 -6.63 0.86
CA GLU A 10 -8.49 -5.31 0.45
C GLU A 10 -9.93 -5.43 -0.08
N ARG A 11 -10.29 -6.57 -0.69
CA ARG A 11 -11.66 -6.88 -1.07
C ARG A 11 -12.65 -6.82 0.07
N GLU A 12 -12.30 -7.37 1.24
CA GLU A 12 -13.15 -7.34 2.42
C GLU A 12 -13.15 -5.95 3.07
N LEU A 13 -11.99 -5.27 3.02
CA LEU A 13 -11.79 -3.90 3.48
C LEU A 13 -12.31 -2.86 2.48
N LYS A 14 -12.96 -3.26 1.37
CA LYS A 14 -13.60 -2.38 0.38
C LYS A 14 -14.58 -1.36 1.01
N LYS A 15 -15.02 -1.59 2.24
CA LYS A 15 -15.83 -0.67 3.03
C LYS A 15 -15.28 0.76 3.06
N LEU A 16 -13.95 0.91 3.02
CA LEU A 16 -13.32 2.20 2.76
C LEU A 16 -12.88 2.31 1.29
N SER A 17 -12.95 3.52 0.73
CA SER A 17 -12.58 3.83 -0.65
C SER A 17 -11.23 3.19 -1.04
N PRO A 18 -11.22 2.20 -1.95
CA PRO A 18 -9.98 1.48 -2.32
C PRO A 18 -8.98 2.38 -3.05
N GLU A 19 -9.44 3.51 -3.61
CA GLU A 19 -8.59 4.54 -4.18
C GLU A 19 -7.91 5.41 -3.10
N GLU A 20 -8.53 5.57 -1.92
CA GLU A 20 -8.02 6.43 -0.85
C GLU A 20 -6.74 5.84 -0.23
N LEU A 21 -6.73 4.53 0.03
CA LEU A 21 -5.56 3.82 0.49
C LEU A 21 -4.41 3.92 -0.51
N ASN A 22 -4.66 3.59 -1.79
CA ASN A 22 -3.66 3.72 -2.85
C ASN A 22 -3.05 5.14 -2.93
N ARG A 23 -3.80 6.16 -2.53
CA ARG A 23 -3.35 7.55 -2.44
C ARG A 23 -2.22 7.73 -1.42
N TYR A 24 -2.48 7.38 -0.15
CA TYR A 24 -1.46 7.33 0.89
C TYR A 24 -0.33 6.34 0.55
N TYR A 25 -0.65 5.30 -0.21
CA TYR A 25 0.29 4.31 -0.68
C TYR A 25 1.26 4.89 -1.72
N ALA A 26 0.80 5.64 -2.72
CA ALA A 26 1.66 6.24 -3.75
C ALA A 26 2.68 7.21 -3.12
N SER A 27 2.21 8.10 -2.23
CA SER A 27 3.05 8.99 -1.44
C SER A 27 3.98 8.27 -0.46
N LEU A 28 3.82 6.96 -0.26
CA LEU A 28 4.72 6.10 0.50
C LEU A 28 5.62 5.26 -0.41
N ARG A 29 5.13 4.76 -1.55
CA ARG A 29 5.85 3.91 -2.50
C ARG A 29 7.01 4.65 -3.14
N HIS A 30 6.79 5.92 -3.50
CA HIS A 30 7.87 6.80 -3.97
C HIS A 30 8.82 7.18 -2.82
N TYR A 31 8.35 7.16 -1.57
CA TYR A 31 9.14 7.40 -0.37
C TYR A 31 10.09 6.21 -0.16
N LEU A 32 9.58 5.02 0.17
CA LEU A 32 10.35 3.78 0.41
C LEU A 32 11.30 3.40 -0.74
N ASN A 33 11.10 3.97 -1.94
CA ASN A 33 12.04 3.95 -3.05
C ASN A 33 13.47 4.36 -2.61
N LEU A 34 13.58 5.38 -1.75
CA LEU A 34 14.85 5.87 -1.20
C LEU A 34 14.79 6.29 0.28
N VAL A 35 13.70 5.95 0.99
CA VAL A 35 13.53 6.21 2.42
C VAL A 35 13.99 5.05 3.28
N THR A 36 13.94 3.82 2.76
CA THR A 36 14.40 2.66 3.50
C THR A 36 15.91 2.47 3.40
N ARG A 37 16.48 2.69 2.20
CA ARG A 37 17.94 2.65 1.96
C ARG A 37 18.75 3.65 2.78
N GLN A 38 18.08 4.59 3.46
CA GLN A 38 18.65 5.61 4.33
C GLN A 38 17.91 5.75 5.67
N ARG A 39 16.95 4.86 5.96
CA ARG A 39 16.11 4.88 7.17
C ARG A 39 15.32 3.56 7.35
N TYR A 40 16.03 2.48 7.70
CA TYR A 40 15.43 1.16 7.89
C TYR A 40 16.31 0.25 8.75
N TYR A 1 -7.37 -24.26 -2.86
CA TYR A 1 -7.22 -23.32 -1.73
C TYR A 1 -6.34 -22.14 -2.18
N LEU A 2 -6.02 -21.21 -1.28
CA LEU A 2 -5.14 -20.06 -1.52
C LEU A 2 -5.79 -19.00 -2.42
N GLU A 3 -6.11 -19.36 -3.68
CA GLU A 3 -6.80 -18.52 -4.67
C GLU A 3 -8.07 -17.87 -4.09
N ARG A 4 -8.79 -18.63 -3.26
CA ARG A 4 -10.04 -18.24 -2.61
C ARG A 4 -9.77 -17.24 -1.49
N GLU A 5 -8.86 -17.60 -0.58
CA GLU A 5 -8.39 -16.73 0.50
C GLU A 5 -7.90 -15.40 -0.07
N LEU A 6 -7.08 -15.41 -1.13
CA LEU A 6 -6.66 -14.19 -1.82
C LEU A 6 -7.83 -13.31 -2.26
N LYS A 7 -8.95 -13.91 -2.69
CA LYS A 7 -10.19 -13.20 -3.03
C LYS A 7 -10.87 -12.61 -1.79
N LYS A 8 -10.93 -13.38 -0.69
CA LYS A 8 -11.38 -12.89 0.63
C LYS A 8 -10.42 -11.87 1.26
N LEU A 9 -9.18 -11.79 0.78
CA LEU A 9 -8.15 -10.85 1.21
C LEU A 9 -8.28 -9.53 0.45
N GLU A 10 -8.33 -9.58 -0.89
CA GLU A 10 -8.50 -8.38 -1.70
C GLU A 10 -9.76 -7.60 -1.30
N ARG A 11 -10.79 -8.29 -0.75
CA ARG A 11 -11.94 -7.67 -0.11
C ARG A 11 -11.58 -6.68 1.00
N GLU A 12 -10.73 -7.09 1.95
CA GLU A 12 -10.27 -6.23 3.05
C GLU A 12 -9.35 -5.10 2.54
N LEU A 13 -8.58 -5.37 1.48
CA LEU A 13 -7.75 -4.36 0.83
C LEU A 13 -8.59 -3.32 0.07
N LYS A 14 -9.48 -3.73 -0.85
CA LYS A 14 -10.45 -2.85 -1.52
C LYS A 14 -11.45 -2.19 -0.55
N LYS A 15 -11.55 -2.67 0.69
CA LYS A 15 -12.45 -2.13 1.72
C LYS A 15 -12.23 -0.63 1.93
N LEU A 16 -10.97 -0.18 1.83
CA LEU A 16 -10.63 1.23 1.71
C LEU A 16 -10.37 1.59 0.24
N SER A 17 -10.63 2.85 -0.10
CA SER A 17 -10.48 3.41 -1.44
C SER A 17 -9.11 3.08 -2.07
N PRO A 18 -9.05 2.27 -3.15
CA PRO A 18 -7.79 1.83 -3.76
C PRO A 18 -7.02 2.98 -4.42
N GLU A 19 -7.69 4.12 -4.67
CA GLU A 19 -7.08 5.36 -5.15
C GLU A 19 -6.57 6.25 -3.98
N GLU A 20 -7.10 6.09 -2.77
CA GLU A 20 -6.69 6.90 -1.61
C GLU A 20 -5.33 6.41 -1.08
N LEU A 21 -5.12 5.08 -1.09
CA LEU A 21 -3.84 4.50 -0.69
C LEU A 21 -2.73 4.96 -1.62
N ASN A 22 -2.86 4.77 -2.94
CA ASN A 22 -1.86 5.19 -3.93
C ASN A 22 -1.46 6.68 -3.77
N ARG A 23 -2.44 7.54 -3.47
CA ARG A 23 -2.20 8.93 -3.12
C ARG A 23 -1.26 9.06 -1.92
N TYR A 24 -1.68 8.50 -0.78
CA TYR A 24 -0.88 8.47 0.45
C TYR A 24 0.49 7.79 0.26
N TYR A 25 0.56 6.86 -0.71
CA TYR A 25 1.73 6.12 -1.13
C TYR A 25 2.77 7.05 -1.74
N ALA A 26 2.39 7.95 -2.65
CA ALA A 26 3.36 8.87 -3.25
C ALA A 26 4.00 9.77 -2.18
N SER A 27 3.19 10.31 -1.25
CA SER A 27 3.64 11.09 -0.09
C SER A 27 4.47 10.29 0.93
N LEU A 28 4.53 8.96 0.78
CA LEU A 28 5.37 8.06 1.56
C LEU A 28 6.59 7.59 0.74
N ARG A 29 6.45 7.39 -0.57
CA ARG A 29 7.50 6.92 -1.47
C ARG A 29 8.51 8.01 -1.82
N HIS A 30 8.01 9.23 -2.07
CA HIS A 30 8.86 10.40 -2.35
C HIS A 30 9.82 10.67 -1.19
N TYR A 31 9.37 10.37 0.04
CA TYR A 31 10.21 10.33 1.21
C TYR A 31 11.31 9.30 1.01
N LEU A 32 10.97 8.01 0.84
CA LEU A 32 11.94 6.90 0.80
C LEU A 32 13.12 7.16 -0.15
N ASN A 33 12.88 7.91 -1.23
CA ASN A 33 13.88 8.49 -2.14
C ASN A 33 15.13 9.03 -1.41
N LEU A 34 14.93 9.74 -0.29
CA LEU A 34 15.98 10.24 0.59
C LEU A 34 15.76 10.00 2.10
N VAL A 35 14.81 9.12 2.44
CA VAL A 35 14.46 8.74 3.81
C VAL A 35 15.01 7.36 4.19
N THR A 36 15.43 6.56 3.22
CA THR A 36 16.05 5.25 3.49
C THR A 36 17.55 5.24 3.22
N ARG A 37 17.98 5.99 2.19
CA ARG A 37 19.40 6.23 1.86
C ARG A 37 20.21 6.90 2.97
N GLN A 38 19.50 7.49 3.95
CA GLN A 38 20.03 8.16 5.13
C GLN A 38 19.54 7.53 6.44
N ARG A 39 18.95 6.32 6.38
CA ARG A 39 18.47 5.54 7.55
C ARG A 39 17.35 6.24 8.34
N TYR A 40 16.57 7.12 7.71
CA TYR A 40 15.42 7.87 8.24
C TYR A 40 15.79 8.85 9.38
N TYR A 1 3.21 -16.02 0.65
CA TYR A 1 2.72 -16.34 -0.71
C TYR A 1 1.19 -16.54 -0.76
N LEU A 2 0.42 -15.80 0.05
CA LEU A 2 -1.04 -15.97 0.17
C LEU A 2 -1.80 -15.15 -0.89
N GLU A 3 -1.65 -15.52 -2.16
CA GLU A 3 -2.31 -14.87 -3.31
C GLU A 3 -3.84 -15.00 -3.24
N ARG A 4 -4.34 -16.22 -3.01
CA ARG A 4 -5.78 -16.47 -2.87
C ARG A 4 -6.39 -15.63 -1.75
N GLU A 5 -5.70 -15.55 -0.61
CA GLU A 5 -6.11 -14.70 0.51
C GLU A 5 -6.06 -13.21 0.13
N LEU A 6 -5.05 -12.77 -0.64
CA LEU A 6 -4.99 -11.40 -1.16
C LEU A 6 -6.28 -11.00 -1.90
N LYS A 7 -6.97 -11.96 -2.53
CA LYS A 7 -8.28 -11.76 -3.16
C LYS A 7 -9.39 -11.39 -2.16
N LYS A 8 -9.42 -12.01 -0.97
CA LYS A 8 -10.30 -11.61 0.14
C LYS A 8 -9.86 -10.31 0.82
N LEU A 9 -8.64 -9.85 0.52
CA LEU A 9 -8.08 -8.61 1.01
C LEU A 9 -8.47 -7.46 0.10
N GLU A 10 -8.18 -7.54 -1.22
CA GLU A 10 -8.53 -6.52 -2.22
C GLU A 10 -10.03 -6.19 -2.20
N ARG A 11 -10.86 -7.18 -1.85
CA ARG A 11 -12.30 -7.02 -1.66
C ARG A 11 -12.65 -6.12 -0.48
N GLU A 12 -12.31 -6.54 0.75
CA GLU A 12 -12.54 -5.73 1.94
C GLU A 12 -11.70 -4.43 1.93
N LEU A 13 -10.61 -4.34 1.16
CA LEU A 13 -9.85 -3.11 0.94
C LEU A 13 -10.74 -2.02 0.31
N LYS A 14 -11.69 -2.36 -0.58
CA LYS A 14 -12.67 -1.39 -1.12
C LYS A 14 -13.46 -0.65 -0.01
N LYS A 15 -13.49 -1.15 1.24
CA LYS A 15 -14.12 -0.49 2.39
C LYS A 15 -13.88 1.02 2.44
N LEU A 16 -12.64 1.42 2.14
CA LEU A 16 -12.22 2.81 1.97
C LEU A 16 -11.97 3.12 0.49
N SER A 17 -12.02 4.41 0.15
CA SER A 17 -11.88 4.92 -1.22
C SER A 17 -10.61 4.38 -1.90
N PRO A 18 -10.75 3.59 -3.00
CA PRO A 18 -9.61 2.98 -3.70
C PRO A 18 -8.70 4.00 -4.39
N GLU A 19 -9.13 5.27 -4.45
CA GLU A 19 -8.39 6.39 -5.00
C GLU A 19 -7.71 7.24 -3.90
N GLU A 20 -8.19 7.17 -2.66
CA GLU A 20 -7.65 7.89 -1.51
C GLU A 20 -6.38 7.20 -1.01
N LEU A 21 -6.34 5.86 -1.07
CA LEU A 21 -5.16 5.08 -0.70
C LEU A 21 -4.00 5.31 -1.66
N ASN A 22 -4.22 5.18 -2.97
CA ASN A 22 -3.18 5.43 -3.99
C ASN A 22 -2.59 6.84 -3.85
N ARG A 23 -3.42 7.83 -3.55
CA ARG A 23 -2.97 9.20 -3.26
C ARG A 23 -2.07 9.26 -2.01
N TYR A 24 -2.47 8.56 -0.95
CA TYR A 24 -1.70 8.37 0.27
C TYR A 24 -0.42 7.55 0.05
N TYR A 25 -0.39 6.74 -1.02
CA TYR A 25 0.72 5.87 -1.40
C TYR A 25 1.88 6.68 -1.94
N ALA A 26 1.65 7.65 -2.83
CA ALA A 26 2.74 8.48 -3.37
C ALA A 26 3.47 9.25 -2.26
N SER A 27 2.71 9.83 -1.33
CA SER A 27 3.23 10.47 -0.12
C SER A 27 3.95 9.52 0.84
N LEU A 28 3.78 8.21 0.68
CA LEU A 28 4.48 7.16 1.41
C LEU A 28 5.70 6.69 0.62
N ARG A 29 5.54 6.34 -0.66
CA ARG A 29 6.60 5.82 -1.53
C ARG A 29 7.81 6.72 -1.51
N HIS A 30 7.59 8.04 -1.45
CA HIS A 30 8.64 9.04 -1.29
C HIS A 30 9.16 9.16 0.16
N TYR A 31 8.26 9.05 1.16
CA TYR A 31 8.60 8.99 2.59
C TYR A 31 9.56 7.82 2.87
N LEU A 32 9.15 6.58 2.55
CA LEU A 32 9.95 5.38 2.73
C LEU A 32 11.26 5.44 1.92
N ASN A 33 11.25 6.18 0.80
CA ASN A 33 12.42 6.41 -0.05
C ASN A 33 13.57 7.05 0.74
N LEU A 34 13.24 7.80 1.79
CA LEU A 34 14.19 8.46 2.69
C LEU A 34 14.25 7.77 4.06
N VAL A 35 13.77 6.52 4.14
CA VAL A 35 13.74 5.70 5.37
C VAL A 35 14.53 4.43 5.09
N THR A 36 13.88 3.27 5.05
CA THR A 36 14.46 1.95 4.87
C THR A 36 15.22 1.86 3.55
N ARG A 37 14.73 2.56 2.54
CA ARG A 37 15.36 2.66 1.22
C ARG A 37 16.68 3.43 1.24
N GLN A 38 17.00 4.03 2.39
CA GLN A 38 18.23 4.77 2.68
C GLN A 38 18.94 4.27 3.95
N ARG A 39 18.56 3.09 4.49
CA ARG A 39 19.07 2.54 5.76
C ARG A 39 18.89 3.52 6.94
N TYR A 40 17.64 3.93 7.18
CA TYR A 40 17.22 4.85 8.26
C TYR A 40 17.91 4.63 9.61
N TYR A 1 -4.49 -22.96 0.42
CA TYR A 1 -5.23 -21.97 -0.40
C TYR A 1 -4.29 -20.80 -0.69
N LEU A 2 -4.60 -19.95 -1.68
CA LEU A 2 -3.86 -18.70 -1.95
C LEU A 2 -4.71 -17.74 -2.79
N GLU A 3 -5.11 -18.16 -4.00
CA GLU A 3 -5.97 -17.43 -4.93
C GLU A 3 -7.26 -16.88 -4.29
N ARG A 4 -8.22 -17.74 -3.93
CA ARG A 4 -9.45 -17.31 -3.25
C ARG A 4 -9.19 -16.46 -2.00
N GLU A 5 -8.20 -16.87 -1.19
CA GLU A 5 -7.80 -16.16 0.00
C GLU A 5 -7.36 -14.73 -0.32
N LEU A 6 -6.46 -14.52 -1.28
CA LEU A 6 -6.05 -13.19 -1.76
C LEU A 6 -7.27 -12.33 -2.12
N LYS A 7 -8.30 -12.94 -2.73
CA LYS A 7 -9.57 -12.26 -3.01
C LYS A 7 -10.31 -11.88 -1.73
N LYS A 8 -10.44 -12.82 -0.77
CA LYS A 8 -10.97 -12.57 0.59
C LYS A 8 -10.12 -11.61 1.44
N LEU A 9 -8.85 -11.39 1.06
CA LEU A 9 -7.92 -10.46 1.67
C LEU A 9 -8.10 -9.06 1.08
N GLU A 10 -8.04 -8.93 -0.25
CA GLU A 10 -8.26 -7.64 -0.91
C GLU A 10 -9.66 -7.12 -0.62
N ARG A 11 -10.70 -7.98 -0.67
CA ARG A 11 -12.07 -7.61 -0.28
C ARG A 11 -12.22 -7.14 1.17
N GLU A 12 -11.30 -7.48 2.07
CA GLU A 12 -11.25 -6.93 3.42
C GLU A 12 -10.65 -5.52 3.37
N LEU A 13 -9.33 -5.39 3.15
CA LEU A 13 -8.61 -4.10 3.22
C LEU A 13 -9.18 -3.03 2.27
N LYS A 14 -9.88 -3.44 1.20
CA LYS A 14 -10.69 -2.59 0.32
C LYS A 14 -11.65 -1.67 1.08
N LYS A 15 -11.97 -1.98 2.34
CA LYS A 15 -12.72 -1.13 3.26
C LYS A 15 -12.21 0.33 3.29
N LEU A 16 -10.91 0.54 3.05
CA LEU A 16 -10.32 1.84 2.74
C LEU A 16 -10.15 1.98 1.22
N SER A 17 -10.51 3.16 0.70
CA SER A 17 -10.46 3.53 -0.72
C SER A 17 -9.18 3.03 -1.43
N PRO A 18 -9.28 2.05 -2.35
CA PRO A 18 -8.12 1.45 -3.03
C PRO A 18 -7.40 2.43 -3.98
N GLU A 19 -8.02 3.57 -4.27
CA GLU A 19 -7.44 4.69 -5.01
C GLU A 19 -6.70 5.69 -4.07
N GLU A 20 -7.16 5.83 -2.82
CA GLU A 20 -6.59 6.79 -1.86
C GLU A 20 -5.22 6.30 -1.38
N LEU A 21 -5.10 4.99 -1.12
CA LEU A 21 -3.84 4.39 -0.73
C LEU A 21 -2.78 4.58 -1.81
N ASN A 22 -3.08 4.28 -3.09
CA ASN A 22 -2.17 4.50 -4.21
C ASN A 22 -1.69 5.96 -4.31
N ARG A 23 -2.63 6.91 -4.16
CA ARG A 23 -2.32 8.35 -4.13
C ARG A 23 -1.39 8.73 -2.95
N TYR A 24 -1.67 8.17 -1.78
CA TYR A 24 -0.80 8.28 -0.60
C TYR A 24 0.54 7.56 -0.78
N TYR A 25 0.59 6.58 -1.68
CA TYR A 25 1.77 5.78 -2.00
C TYR A 25 2.71 6.58 -2.90
N ALA A 26 2.22 7.22 -3.97
CA ALA A 26 3.08 8.00 -4.86
C ALA A 26 3.75 9.18 -4.14
N SER A 27 2.97 9.87 -3.30
CA SER A 27 3.43 10.93 -2.40
C SER A 27 4.34 10.45 -1.26
N LEU A 28 4.48 9.13 -1.08
CA LEU A 28 5.43 8.49 -0.17
C LEU A 28 6.62 7.87 -0.90
N ARG A 29 6.45 7.26 -2.08
CA ARG A 29 7.50 6.64 -2.90
C ARG A 29 8.55 7.66 -3.32
N HIS A 30 8.11 8.87 -3.68
CA HIS A 30 9.03 9.98 -3.95
C HIS A 30 9.64 10.55 -2.67
N TYR A 31 8.97 10.39 -1.53
CA TYR A 31 9.45 10.80 -0.21
C TYR A 31 10.60 9.90 0.24
N LEU A 32 10.33 8.61 0.46
CA LEU A 32 11.31 7.58 0.84
C LEU A 32 12.52 7.48 -0.09
N ASN A 33 12.51 8.12 -1.27
CA ASN A 33 13.69 8.39 -2.09
C ASN A 33 14.81 9.05 -1.27
N LEU A 34 14.53 10.18 -0.59
CA LEU A 34 15.50 10.90 0.25
C LEU A 34 15.12 10.80 1.73
N VAL A 35 13.82 10.83 2.04
CA VAL A 35 13.22 10.69 3.37
C VAL A 35 13.34 9.25 3.92
N THR A 36 13.99 8.37 3.15
CA THR A 36 14.69 7.15 3.61
C THR A 36 15.55 7.37 4.87
N ARG A 37 15.86 8.63 5.21
CA ARG A 37 16.54 9.01 6.45
C ARG A 37 18.00 8.50 6.44
N GLN A 38 18.59 8.43 5.24
CA GLN A 38 19.88 7.80 4.94
C GLN A 38 19.97 6.32 5.34
N ARG A 39 18.85 5.64 5.64
CA ARG A 39 18.84 4.26 6.13
C ARG A 39 17.47 3.58 6.03
N TYR A 40 17.01 3.28 4.80
CA TYR A 40 15.71 2.68 4.46
C TYR A 40 14.45 3.45 4.94
N TYR A 1 -2.78 -22.96 -3.56
CA TYR A 1 -3.78 -22.20 -4.33
C TYR A 1 -4.37 -21.05 -3.50
N LEU A 2 -5.04 -21.36 -2.36
CA LEU A 2 -5.70 -20.41 -1.45
C LEU A 2 -6.62 -19.38 -2.16
N GLU A 3 -7.41 -19.83 -3.14
CA GLU A 3 -8.28 -18.98 -3.96
C GLU A 3 -9.38 -18.30 -3.15
N ARG A 4 -10.15 -19.07 -2.37
CA ARG A 4 -11.23 -18.56 -1.52
C ARG A 4 -10.74 -17.44 -0.61
N GLU A 5 -9.63 -17.71 0.10
CA GLU A 5 -8.97 -16.76 0.97
C GLU A 5 -8.50 -15.53 0.21
N LEU A 6 -7.84 -15.70 -0.95
CA LEU A 6 -7.43 -14.60 -1.84
C LEU A 6 -8.60 -13.68 -2.18
N LYS A 7 -9.76 -14.26 -2.48
CA LYS A 7 -11.00 -13.51 -2.73
C LYS A 7 -11.44 -12.71 -1.49
N LYS A 8 -11.43 -13.34 -0.32
CA LYS A 8 -11.62 -12.69 0.99
C LYS A 8 -10.50 -11.69 1.38
N LEU A 9 -9.37 -11.71 0.68
CA LEU A 9 -8.23 -10.81 0.84
C LEU A 9 -8.36 -9.56 -0.04
N GLU A 10 -8.61 -9.74 -1.35
CA GLU A 10 -8.85 -8.63 -2.28
C GLU A 10 -9.97 -7.74 -1.76
N ARG A 11 -11.03 -8.34 -1.20
CA ARG A 11 -12.13 -7.63 -0.56
C ARG A 11 -11.65 -6.72 0.57
N GLU A 12 -10.81 -7.21 1.49
CA GLU A 12 -10.23 -6.43 2.59
C GLU A 12 -9.29 -5.33 2.08
N LEU A 13 -8.48 -5.62 1.07
CA LEU A 13 -7.63 -4.61 0.42
C LEU A 13 -8.44 -3.51 -0.29
N LYS A 14 -9.36 -3.89 -1.20
CA LYS A 14 -10.31 -2.98 -1.87
C LYS A 14 -11.28 -2.28 -0.89
N LYS A 15 -11.43 -2.80 0.33
CA LYS A 15 -12.29 -2.22 1.37
C LYS A 15 -12.00 -0.74 1.60
N LEU A 16 -10.73 -0.35 1.50
CA LEU A 16 -10.33 1.04 1.44
C LEU A 16 -10.12 1.47 -0.02
N SER A 17 -10.40 2.74 -0.32
CA SER A 17 -10.29 3.30 -1.67
C SER A 17 -8.93 3.00 -2.33
N PRO A 18 -8.90 2.19 -3.42
CA PRO A 18 -7.65 1.77 -4.06
C PRO A 18 -6.91 2.94 -4.71
N GLU A 19 -7.61 4.05 -4.97
CA GLU A 19 -7.03 5.29 -5.48
C GLU A 19 -6.53 6.21 -4.34
N GLU A 20 -7.03 6.04 -3.11
CA GLU A 20 -6.60 6.82 -1.95
C GLU A 20 -5.24 6.33 -1.46
N LEU A 21 -5.04 5.01 -1.36
CA LEU A 21 -3.77 4.43 -0.94
C LEU A 21 -2.62 4.85 -1.84
N ASN A 22 -2.80 4.80 -3.17
CA ASN A 22 -1.81 5.26 -4.14
C ASN A 22 -1.41 6.73 -3.90
N ARG A 23 -2.40 7.59 -3.66
CA ARG A 23 -2.17 9.00 -3.31
C ARG A 23 -1.41 9.14 -1.99
N TYR A 24 -1.78 8.35 -0.99
CA TYR A 24 -1.09 8.23 0.30
C TYR A 24 0.34 7.67 0.16
N TYR A 25 0.59 6.93 -0.92
CA TYR A 25 1.87 6.30 -1.25
C TYR A 25 2.89 7.32 -1.71
N ALA A 26 2.52 8.27 -2.59
CA ALA A 26 3.44 9.30 -3.07
C ALA A 26 3.98 10.16 -1.90
N SER A 27 3.07 10.59 -1.01
CA SER A 27 3.44 11.29 0.24
C SER A 27 4.35 10.48 1.16
N LEU A 28 4.41 9.16 1.00
CA LEU A 28 5.26 8.23 1.74
C LEU A 28 6.59 8.01 0.99
N ARG A 29 6.54 7.65 -0.30
CA ARG A 29 7.69 7.38 -1.14
C ARG A 29 8.68 8.55 -1.10
N HIS A 30 8.14 9.78 -1.11
CA HIS A 30 8.90 11.00 -0.93
C HIS A 30 9.60 11.09 0.42
N TYR A 31 8.89 10.77 1.52
CA TYR A 31 9.47 10.63 2.85
C TYR A 31 10.71 9.75 2.80
N LEU A 32 10.59 8.50 2.32
CA LEU A 32 11.71 7.55 2.30
C LEU A 32 12.94 8.08 1.54
N ASN A 33 12.72 8.87 0.49
CA ASN A 33 13.75 9.59 -0.27
C ASN A 33 14.57 10.56 0.60
N LEU A 34 13.97 11.07 1.67
CA LEU A 34 14.56 11.98 2.65
C LEU A 34 14.75 11.30 4.02
N VAL A 35 14.75 9.95 4.06
CA VAL A 35 14.94 9.14 5.28
C VAL A 35 16.21 8.30 5.08
N THR A 36 16.09 7.00 4.83
CA THR A 36 17.20 6.06 4.72
C THR A 36 18.17 6.44 3.62
N ARG A 37 17.66 7.00 2.53
CA ARG A 37 18.44 7.51 1.41
C ARG A 37 19.34 8.70 1.79
N GLN A 38 19.13 9.28 2.99
CA GLN A 38 19.88 10.39 3.57
C GLN A 38 20.29 10.18 5.05
N ARG A 39 20.04 8.98 5.60
CA ARG A 39 20.16 8.59 7.03
C ARG A 39 19.89 7.09 7.19
N TYR A 40 20.82 6.28 6.67
CA TYR A 40 20.78 4.83 6.79
C TYR A 40 21.19 4.38 8.21
N TYR A 1 -4.84 -22.14 -6.89
CA TYR A 1 -5.42 -22.10 -5.53
C TYR A 1 -4.81 -20.91 -4.77
N LEU A 2 -5.18 -20.69 -3.50
CA LEU A 2 -4.61 -19.67 -2.60
C LEU A 2 -5.09 -18.25 -2.93
N GLU A 3 -5.03 -17.87 -4.22
CA GLU A 3 -5.64 -16.68 -4.80
C GLU A 3 -7.03 -16.40 -4.24
N ARG A 4 -7.99 -17.32 -4.34
CA ARG A 4 -9.34 -17.17 -3.76
C ARG A 4 -9.34 -16.75 -2.29
N GLU A 5 -8.50 -17.39 -1.47
CA GLU A 5 -8.33 -17.06 -0.05
C GLU A 5 -7.84 -15.62 0.15
N LEU A 6 -6.93 -15.15 -0.71
CA LEU A 6 -6.53 -13.76 -0.76
C LEU A 6 -7.63 -12.87 -1.38
N LYS A 7 -8.41 -13.36 -2.34
CA LYS A 7 -9.49 -12.61 -3.03
C LYS A 7 -10.59 -12.21 -2.05
N LYS A 8 -10.97 -13.12 -1.15
CA LYS A 8 -11.85 -12.83 0.00
C LYS A 8 -11.19 -11.96 1.08
N LEU A 9 -9.88 -11.74 1.02
CA LEU A 9 -9.09 -10.91 1.92
C LEU A 9 -8.95 -9.48 1.39
N GLU A 10 -8.58 -9.32 0.11
CA GLU A 10 -8.49 -8.01 -0.57
C GLU A 10 -9.82 -7.26 -0.50
N ARG A 11 -10.95 -7.99 -0.51
CA ARG A 11 -12.29 -7.43 -0.28
C ARG A 11 -12.38 -6.65 1.04
N GLU A 12 -11.75 -7.15 2.10
CA GLU A 12 -11.67 -6.48 3.39
C GLU A 12 -10.70 -5.30 3.31
N LEU A 13 -9.51 -5.45 2.73
CA LEU A 13 -8.59 -4.32 2.59
C LEU A 13 -9.13 -3.17 1.71
N LYS A 14 -9.94 -3.51 0.70
CA LYS A 14 -10.74 -2.59 -0.13
C LYS A 14 -11.70 -1.70 0.69
N LYS A 15 -11.98 -2.03 1.96
CA LYS A 15 -12.78 -1.19 2.87
C LYS A 15 -12.31 0.26 2.87
N LEU A 16 -11.00 0.47 2.79
CA LEU A 16 -10.42 1.79 2.57
C LEU A 16 -10.25 2.05 1.06
N SER A 17 -10.46 3.29 0.63
CA SER A 17 -10.36 3.71 -0.77
C SER A 17 -9.07 3.20 -1.44
N PRO A 18 -9.15 2.27 -2.41
CA PRO A 18 -7.96 1.66 -3.03
C PRO A 18 -7.16 2.66 -3.87
N GLU A 19 -7.79 3.78 -4.26
CA GLU A 19 -7.14 4.90 -4.94
C GLU A 19 -6.48 5.88 -3.94
N GLU A 20 -6.94 5.92 -2.69
CA GLU A 20 -6.39 6.82 -1.66
C GLU A 20 -5.05 6.30 -1.18
N LEU A 21 -4.92 4.98 -0.95
CA LEU A 21 -3.66 4.36 -0.57
C LEU A 21 -2.58 4.61 -1.61
N ASN A 22 -2.85 4.34 -2.91
CA ASN A 22 -1.92 4.59 -4.00
C ASN A 22 -1.47 6.06 -4.06
N ARG A 23 -2.42 6.99 -3.89
CA ARG A 23 -2.13 8.43 -3.79
C ARG A 23 -1.20 8.73 -2.61
N TYR A 24 -1.53 8.20 -1.42
CA TYR A 24 -0.71 8.30 -0.22
C TYR A 24 0.67 7.65 -0.39
N TYR A 25 0.74 6.63 -1.25
CA TYR A 25 1.92 5.83 -1.58
C TYR A 25 2.98 6.66 -2.28
N ALA A 26 2.63 7.44 -3.31
CA ALA A 26 3.60 8.28 -4.03
C ALA A 26 4.28 9.28 -3.07
N SER A 27 3.49 9.92 -2.21
CA SER A 27 3.96 10.78 -1.12
C SER A 27 4.83 10.07 -0.08
N LEU A 28 4.84 8.74 -0.05
CA LEU A 28 5.66 7.87 0.79
C LEU A 28 6.89 7.38 0.00
N ARG A 29 6.71 6.88 -1.22
CA ARG A 29 7.76 6.33 -2.09
C ARG A 29 8.84 7.39 -2.38
N HIS A 30 8.42 8.64 -2.51
CA HIS A 30 9.31 9.79 -2.60
C HIS A 30 9.93 10.14 -1.24
N TYR A 31 9.21 9.92 -0.13
CA TYR A 31 9.72 10.05 1.23
C TYR A 31 10.88 9.09 1.43
N LEU A 32 10.63 7.76 1.47
CA LEU A 32 11.66 6.73 1.69
C LEU A 32 12.86 6.85 0.75
N ASN A 33 12.68 7.46 -0.43
CA ASN A 33 13.72 7.82 -1.40
C ASN A 33 14.84 8.70 -0.80
N LEU A 34 14.52 9.48 0.23
CA LEU A 34 15.47 10.30 0.99
C LEU A 34 15.22 10.32 2.51
N VAL A 35 14.30 9.48 2.99
CA VAL A 35 13.93 9.32 4.41
C VAL A 35 14.60 8.11 5.05
N THR A 36 15.04 7.13 4.27
CA THR A 36 15.73 5.94 4.81
C THR A 36 17.21 5.91 4.47
N ARG A 37 17.58 6.44 3.31
CA ARG A 37 18.96 6.69 2.87
C ARG A 37 19.77 7.57 3.82
N GLN A 38 19.08 8.34 4.66
CA GLN A 38 19.63 9.22 5.70
C GLN A 38 19.52 8.64 7.11
N ARG A 39 19.23 7.34 7.26
CA ARG A 39 19.04 6.63 8.55
C ARG A 39 17.89 7.24 9.37
N TYR A 40 16.78 7.51 8.69
CA TYR A 40 15.53 8.04 9.24
C TYR A 40 14.41 7.01 8.93
N TYR A 1 4.22 -14.88 2.77
CA TYR A 1 3.59 -15.78 1.79
C TYR A 1 2.09 -15.45 1.69
N LEU A 2 1.32 -16.19 0.87
CA LEU A 2 -0.15 -16.08 0.71
C LEU A 2 -0.59 -14.83 -0.10
N GLU A 3 -0.25 -14.82 -1.40
CA GLU A 3 -0.63 -13.74 -2.32
C GLU A 3 -2.12 -13.81 -2.72
N ARG A 4 -2.70 -15.02 -2.85
CA ARG A 4 -4.11 -15.21 -3.24
C ARG A 4 -5.12 -15.08 -2.09
N GLU A 5 -4.66 -14.55 -0.94
CA GLU A 5 -5.45 -14.33 0.28
C GLU A 5 -5.55 -12.84 0.59
N LEU A 6 -4.42 -12.11 0.61
CA LEU A 6 -4.45 -10.65 0.80
C LEU A 6 -5.31 -9.93 -0.26
N LYS A 7 -5.53 -10.55 -1.42
CA LYS A 7 -6.47 -10.05 -2.45
C LYS A 7 -7.92 -10.02 -1.97
N LYS A 8 -8.38 -11.07 -1.27
CA LYS A 8 -9.71 -11.11 -0.64
C LYS A 8 -9.78 -10.26 0.64
N LEU A 9 -8.63 -9.78 1.12
CA LEU A 9 -8.52 -8.88 2.26
C LEU A 9 -8.60 -7.41 1.83
N GLU A 10 -7.85 -7.02 0.78
CA GLU A 10 -7.91 -5.66 0.21
C GLU A 10 -9.35 -5.26 -0.14
N ARG A 11 -10.17 -6.22 -0.59
CA ARG A 11 -11.62 -6.07 -0.79
C ARG A 11 -12.34 -5.42 0.40
N GLU A 12 -12.03 -5.82 1.63
CA GLU A 12 -12.59 -5.22 2.83
C GLU A 12 -11.89 -3.90 3.15
N LEU A 13 -10.55 -3.85 3.11
CA LEU A 13 -9.78 -2.61 3.28
C LEU A 13 -10.27 -1.50 2.33
N LYS A 14 -10.84 -1.83 1.17
CA LYS A 14 -11.48 -0.90 0.24
C LYS A 14 -12.68 -0.13 0.83
N LYS A 15 -13.16 -0.48 2.03
CA LYS A 15 -14.16 0.27 2.81
C LYS A 15 -13.82 1.76 2.90
N LEU A 16 -12.56 2.10 3.13
CA LEU A 16 -12.05 3.48 3.14
C LEU A 16 -11.73 3.99 1.72
N SER A 17 -12.53 3.60 0.72
CA SER A 17 -12.36 3.79 -0.74
C SER A 17 -11.07 3.22 -1.36
N PRO A 18 -11.12 2.71 -2.60
CA PRO A 18 -9.93 2.21 -3.29
C PRO A 18 -8.95 3.33 -3.65
N GLU A 19 -9.48 4.46 -4.12
CA GLU A 19 -8.67 5.60 -4.55
C GLU A 19 -8.03 6.32 -3.35
N GLU A 20 -8.68 6.28 -2.18
CA GLU A 20 -8.19 6.90 -0.94
C GLU A 20 -6.89 6.24 -0.48
N LEU A 21 -6.83 4.91 -0.57
CA LEU A 21 -5.61 4.20 -0.24
C LEU A 21 -4.49 4.53 -1.22
N ASN A 22 -4.76 4.43 -2.54
CA ASN A 22 -3.79 4.79 -3.58
C ASN A 22 -3.26 6.22 -3.41
N ARG A 23 -4.12 7.13 -2.93
CA ARG A 23 -3.74 8.50 -2.58
C ARG A 23 -2.63 8.52 -1.53
N TYR A 24 -2.86 7.89 -0.37
CA TYR A 24 -1.86 7.75 0.69
C TYR A 24 -0.62 6.97 0.21
N TYR A 25 -0.81 6.06 -0.74
CA TYR A 25 0.22 5.26 -1.39
C TYR A 25 1.20 6.12 -2.20
N ALA A 26 0.73 7.10 -2.99
CA ALA A 26 1.61 8.00 -3.73
C ALA A 26 2.55 8.79 -2.81
N SER A 27 1.99 9.37 -1.73
CA SER A 27 2.73 10.03 -0.64
C SER A 27 3.56 9.07 0.21
N LEU A 28 3.46 7.76 -0.02
CA LEU A 28 4.32 6.74 0.58
C LEU A 28 5.34 6.18 -0.42
N ARG A 29 5.05 6.16 -1.72
CA ARG A 29 5.93 5.70 -2.78
C ARG A 29 7.14 6.62 -2.91
N HIS A 30 6.89 7.91 -3.14
CA HIS A 30 7.96 8.91 -3.22
C HIS A 30 8.71 9.06 -1.89
N TYR A 31 8.04 8.77 -0.78
CA TYR A 31 8.60 8.76 0.57
C TYR A 31 9.56 7.57 0.75
N LEU A 32 9.07 6.33 0.65
CA LEU A 32 9.85 5.10 0.79
C LEU A 32 11.09 5.09 -0.13
N ASN A 33 10.98 5.74 -1.31
CA ASN A 33 12.08 5.98 -2.25
C ASN A 33 13.32 6.65 -1.61
N LEU A 34 13.13 7.43 -0.54
CA LEU A 34 14.20 8.08 0.23
C LEU A 34 14.10 7.84 1.76
N VAL A 35 13.09 7.09 2.22
CA VAL A 35 12.86 6.70 3.62
C VAL A 35 13.27 5.27 3.91
N THR A 36 13.32 4.43 2.88
CA THR A 36 13.63 2.99 2.98
C THR A 36 14.93 2.67 2.26
N ARG A 37 15.41 3.57 1.38
CA ARG A 37 16.73 3.54 0.73
C ARG A 37 17.91 3.62 1.71
N GLN A 38 17.61 3.99 2.96
CA GLN A 38 18.52 4.08 4.10
C GLN A 38 17.94 3.47 5.39
N ARG A 39 16.77 2.78 5.30
CA ARG A 39 16.11 2.19 6.46
C ARG A 39 15.20 1.02 6.08
N TYR A 40 15.80 -0.04 5.55
CA TYR A 40 15.11 -1.23 5.05
C TYR A 40 14.44 -2.02 6.20
N TYR A 1 -0.70 -22.00 -1.26
CA TYR A 1 -1.08 -21.52 -2.61
C TYR A 1 -2.46 -20.85 -2.64
N LEU A 2 -2.84 -20.17 -1.56
CA LEU A 2 -4.15 -19.51 -1.45
C LEU A 2 -4.10 -18.10 -2.08
N GLU A 3 -4.07 -18.03 -3.41
CA GLU A 3 -4.09 -16.75 -4.14
C GLU A 3 -5.38 -15.96 -3.91
N ARG A 4 -6.54 -16.63 -3.94
CA ARG A 4 -7.85 -16.00 -3.64
C ARG A 4 -7.85 -15.27 -2.30
N GLU A 5 -7.08 -15.76 -1.31
CA GLU A 5 -6.95 -15.13 0.00
C GLU A 5 -6.41 -13.70 -0.12
N LEU A 6 -5.38 -13.46 -0.94
CA LEU A 6 -4.88 -12.10 -1.22
C LEU A 6 -6.00 -11.19 -1.72
N LYS A 7 -6.89 -11.71 -2.58
CA LYS A 7 -8.06 -11.00 -3.05
C LYS A 7 -9.03 -10.66 -1.92
N LYS A 8 -9.27 -11.60 -1.00
CA LYS A 8 -10.06 -11.39 0.24
C LYS A 8 -9.33 -10.51 1.27
N LEU A 9 -8.03 -10.26 1.08
CA LEU A 9 -7.18 -9.41 1.91
C LEU A 9 -7.22 -7.95 1.42
N GLU A 10 -7.01 -7.72 0.11
CA GLU A 10 -7.07 -6.38 -0.48
C GLU A 10 -8.44 -5.73 -0.21
N ARG A 11 -9.53 -6.54 -0.20
CA ARG A 11 -10.87 -6.10 0.22
C ARG A 11 -10.91 -5.50 1.62
N GLU A 12 -10.13 -6.03 2.55
CA GLU A 12 -10.04 -5.46 3.89
C GLU A 12 -9.37 -4.09 3.82
N LEU A 13 -8.27 -3.95 3.07
CA LEU A 13 -7.59 -2.67 2.93
C LEU A 13 -8.40 -1.65 2.10
N LYS A 14 -9.22 -2.13 1.15
CA LYS A 14 -10.21 -1.38 0.38
C LYS A 14 -11.29 -0.73 1.26
N LYS A 15 -11.40 -1.09 2.55
CA LYS A 15 -12.25 -0.36 3.52
C LYS A 15 -11.95 1.15 3.53
N LEU A 16 -10.69 1.54 3.37
CA LEU A 16 -10.29 2.94 3.29
C LEU A 16 -10.29 3.51 1.86
N SER A 17 -11.02 2.88 0.93
CA SER A 17 -11.01 3.08 -0.53
C SER A 17 -9.72 2.57 -1.20
N PRO A 18 -9.81 1.91 -2.38
CA PRO A 18 -8.64 1.40 -3.07
C PRO A 18 -7.75 2.52 -3.65
N GLU A 19 -8.39 3.58 -4.17
CA GLU A 19 -7.68 4.73 -4.75
C GLU A 19 -7.05 5.63 -3.66
N GLU A 20 -7.54 5.53 -2.41
CA GLU A 20 -7.02 6.26 -1.26
C GLU A 20 -5.69 5.68 -0.78
N LEU A 21 -5.55 4.34 -0.78
CA LEU A 21 -4.30 3.70 -0.44
C LEU A 21 -3.23 4.07 -1.47
N ASN A 22 -3.53 3.89 -2.77
CA ASN A 22 -2.63 4.26 -3.86
C ASN A 22 -2.20 5.74 -3.78
N ARG A 23 -3.12 6.64 -3.38
CA ARG A 23 -2.82 8.05 -3.10
C ARG A 23 -1.75 8.21 -2.03
N TYR A 24 -1.94 7.57 -0.87
CA TYR A 24 -0.96 7.56 0.23
C TYR A 24 0.32 6.79 -0.13
N TYR A 25 0.25 5.92 -1.14
CA TYR A 25 1.36 5.15 -1.67
C TYR A 25 2.28 6.01 -2.52
N ALA A 26 1.76 6.83 -3.44
CA ALA A 26 2.57 7.71 -4.27
C ALA A 26 3.36 8.72 -3.41
N SER A 27 2.71 9.32 -2.41
CA SER A 27 3.36 10.20 -1.42
C SER A 27 4.37 9.48 -0.53
N LEU A 28 4.42 8.15 -0.55
CA LEU A 28 5.42 7.32 0.13
C LEU A 28 6.49 6.82 -0.83
N ARG A 29 6.13 6.29 -2.00
CA ARG A 29 7.07 5.80 -3.02
C ARG A 29 8.09 6.87 -3.43
N HIS A 30 7.63 8.13 -3.52
CA HIS A 30 8.49 9.28 -3.75
C HIS A 30 9.35 9.65 -2.54
N TYR A 31 8.84 9.42 -1.32
CA TYR A 31 9.61 9.56 -0.10
C TYR A 31 10.72 8.52 -0.09
N LEU A 32 10.38 7.22 -0.15
CA LEU A 32 11.34 6.12 -0.01
C LEU A 32 12.53 6.25 -0.97
N ASN A 33 12.32 6.91 -2.11
CA ASN A 33 13.36 7.35 -3.05
C ASN A 33 14.58 8.02 -2.37
N LEU A 34 14.36 8.73 -1.24
CA LEU A 34 15.42 9.28 -0.38
C LEU A 34 15.12 9.21 1.13
N VAL A 35 14.06 8.50 1.54
CA VAL A 35 13.65 8.32 2.93
C VAL A 35 14.18 7.01 3.48
N THR A 36 14.45 6.02 2.63
CA THR A 36 15.03 4.75 3.08
C THR A 36 16.43 4.91 3.66
N ARG A 37 17.27 5.75 3.03
CA ARG A 37 18.63 6.08 3.49
C ARG A 37 18.68 6.69 4.91
N GLN A 38 17.53 7.06 5.45
CA GLN A 38 17.33 7.66 6.77
C GLN A 38 16.12 7.10 7.53
N ARG A 39 15.49 6.03 7.03
CA ARG A 39 14.22 5.48 7.51
C ARG A 39 13.86 4.17 6.77
N TYR A 40 14.65 3.12 7.04
CA TYR A 40 14.49 1.80 6.46
C TYR A 40 14.79 0.71 7.50
N TYR A 1 2.58 -17.40 3.95
CA TYR A 1 2.73 -17.73 2.51
C TYR A 1 1.41 -17.60 1.72
N LEU A 2 0.26 -17.38 2.38
CA LEU A 2 -1.03 -17.19 1.73
C LEU A 2 -1.09 -15.83 0.99
N GLU A 3 -0.31 -15.70 -0.10
CA GLU A 3 -0.29 -14.49 -0.92
C GLU A 3 -1.64 -14.21 -1.58
N ARG A 4 -2.40 -15.25 -1.92
CA ARG A 4 -3.79 -15.12 -2.36
C ARG A 4 -4.65 -14.33 -1.36
N GLU A 5 -4.39 -14.51 -0.06
CA GLU A 5 -5.14 -13.82 0.99
C GLU A 5 -5.02 -12.30 0.83
N LEU A 6 -3.82 -11.78 0.52
CA LEU A 6 -3.60 -10.36 0.24
C LEU A 6 -4.50 -9.85 -0.89
N LYS A 7 -4.70 -10.67 -1.94
CA LYS A 7 -5.64 -10.35 -3.02
C LYS A 7 -7.07 -10.27 -2.49
N LYS A 8 -7.49 -11.23 -1.65
CA LYS A 8 -8.76 -11.18 -0.93
C LYS A 8 -8.84 -10.10 0.17
N LEU A 9 -7.73 -9.42 0.46
CA LEU A 9 -7.61 -8.34 1.43
C LEU A 9 -7.75 -6.98 0.76
N GLU A 10 -7.03 -6.74 -0.34
CA GLU A 10 -7.12 -5.52 -1.14
C GLU A 10 -8.57 -5.25 -1.58
N ARG A 11 -9.34 -6.33 -1.84
CA ARG A 11 -10.77 -6.27 -2.10
C ARG A 11 -11.55 -5.61 -0.97
N GLU A 12 -11.32 -6.04 0.27
CA GLU A 12 -12.01 -5.48 1.43
C GLU A 12 -11.47 -4.10 1.78
N LEU A 13 -10.16 -3.86 1.63
CA LEU A 13 -9.53 -2.55 1.80
C LEU A 13 -10.16 -1.45 0.93
N LYS A 14 -10.78 -1.84 -0.20
CA LYS A 14 -11.64 -0.97 -1.02
C LYS A 14 -12.84 -0.39 -0.25
N LYS A 15 -13.14 -0.87 0.95
CA LYS A 15 -14.11 -0.28 1.90
C LYS A 15 -13.88 1.22 2.10
N LEU A 16 -12.61 1.65 2.11
CA LEU A 16 -12.23 3.05 2.24
C LEU A 16 -12.02 3.73 0.90
N SER A 17 -12.62 3.21 -0.18
CA SER A 17 -12.40 3.54 -1.60
C SER A 17 -11.02 3.11 -2.13
N PRO A 18 -10.92 2.67 -3.40
CA PRO A 18 -9.64 2.24 -3.98
C PRO A 18 -8.73 3.43 -4.32
N GLU A 19 -9.30 4.54 -4.77
CA GLU A 19 -8.55 5.78 -5.06
C GLU A 19 -8.13 6.54 -3.78
N GLU A 20 -8.70 6.17 -2.62
CA GLU A 20 -8.40 6.79 -1.34
C GLU A 20 -7.17 6.15 -0.67
N LEU A 21 -6.96 4.84 -0.86
CA LEU A 21 -5.79 4.15 -0.36
C LEU A 21 -4.54 4.60 -1.12
N ASN A 22 -4.61 4.57 -2.46
CA ASN A 22 -3.50 5.03 -3.32
C ASN A 22 -3.01 6.44 -2.95
N ARG A 23 -3.93 7.31 -2.53
CA ARG A 23 -3.63 8.64 -1.99
C ARG A 23 -2.65 8.56 -0.82
N TYR A 24 -3.02 7.84 0.24
CA TYR A 24 -2.15 7.58 1.39
C TYR A 24 -0.90 6.77 1.03
N TYR A 25 -0.97 6.00 -0.05
CA TYR A 25 0.13 5.21 -0.59
C TYR A 25 1.19 6.08 -1.23
N ALA A 26 0.81 7.09 -2.02
CA ALA A 26 1.77 8.01 -2.65
C ALA A 26 2.61 8.76 -1.60
N SER A 27 1.94 9.30 -0.57
CA SER A 27 2.57 9.94 0.59
C SER A 27 3.37 8.95 1.46
N LEU A 28 3.23 7.65 1.24
CA LEU A 28 4.04 6.60 1.86
C LEU A 28 5.15 6.08 0.93
N ARG A 29 4.99 6.20 -0.41
CA ARG A 29 5.92 5.71 -1.44
C ARG A 29 6.99 6.75 -1.80
N HIS A 30 6.61 8.01 -1.93
CA HIS A 30 7.52 9.13 -2.20
C HIS A 30 8.61 9.22 -1.12
N TYR A 31 8.27 8.82 0.11
CA TYR A 31 9.22 8.58 1.17
C TYR A 31 10.20 7.48 0.79
N LEU A 32 9.73 6.26 0.52
CA LEU A 32 10.56 5.07 0.28
C LEU A 32 11.68 5.30 -0.73
N ASN A 33 11.43 6.22 -1.68
CA ASN A 33 12.40 6.79 -2.63
C ASN A 33 13.76 7.13 -1.98
N LEU A 34 13.75 7.60 -0.73
CA LEU A 34 14.95 7.84 0.09
C LEU A 34 14.83 7.38 1.56
N VAL A 35 13.74 6.68 1.90
CA VAL A 35 13.44 6.15 3.23
C VAL A 35 13.79 4.68 3.34
N THR A 36 13.91 3.96 2.23
CA THR A 36 14.25 2.53 2.21
C THR A 36 15.63 2.28 1.60
N ARG A 37 16.16 3.27 0.87
CA ARG A 37 17.51 3.30 0.28
C ARG A 37 18.64 3.25 1.31
N GLN A 38 18.29 3.50 2.57
CA GLN A 38 19.10 3.43 3.77
C GLN A 38 18.44 2.64 4.90
N ARG A 39 17.46 1.77 4.58
CA ARG A 39 16.79 0.86 5.55
C ARG A 39 16.00 1.60 6.63
N TYR A 40 15.57 2.83 6.37
CA TYR A 40 14.85 3.75 7.27
C TYR A 40 15.68 4.16 8.51
N TYR A 1 2.68 -15.25 -3.61
CA TYR A 1 2.52 -16.50 -4.39
C TYR A 1 1.11 -17.06 -4.26
N LEU A 2 0.67 -17.38 -3.04
CA LEU A 2 -0.66 -17.88 -2.71
C LEU A 2 -1.67 -16.72 -2.69
N GLU A 3 -2.06 -16.24 -3.86
CA GLU A 3 -2.99 -15.12 -4.01
C GLU A 3 -4.41 -15.44 -3.51
N ARG A 4 -4.82 -16.70 -3.68
CA ARG A 4 -6.04 -17.24 -3.08
C ARG A 4 -6.01 -16.98 -1.58
N GLU A 5 -7.19 -16.74 -0.99
CA GLU A 5 -7.39 -16.43 0.44
C GLU A 5 -7.15 -14.94 0.71
N LEU A 6 -6.17 -14.31 0.05
CA LEU A 6 -5.95 -12.87 0.15
C LEU A 6 -6.97 -12.07 -0.66
N LYS A 7 -7.48 -12.63 -1.76
CA LYS A 7 -8.54 -12.00 -2.57
C LYS A 7 -9.83 -11.77 -1.77
N LYS A 8 -10.23 -12.77 -0.97
CA LYS A 8 -11.39 -12.64 -0.05
C LYS A 8 -11.11 -11.71 1.14
N LEU A 9 -9.84 -11.33 1.34
CA LEU A 9 -9.36 -10.44 2.38
C LEU A 9 -9.40 -9.00 1.88
N GLU A 10 -8.74 -8.71 0.73
CA GLU A 10 -8.72 -7.38 0.11
C GLU A 10 -10.13 -6.84 -0.14
N ARG A 11 -11.09 -7.75 -0.35
CA ARG A 11 -12.52 -7.42 -0.44
C ARG A 11 -13.02 -6.58 0.75
N GLU A 12 -12.52 -6.86 1.95
CA GLU A 12 -12.81 -6.09 3.16
C GLU A 12 -11.91 -4.86 3.26
N LEU A 13 -10.62 -4.92 2.84
CA LEU A 13 -9.74 -3.74 2.81
C LEU A 13 -10.34 -2.58 1.99
N LYS A 14 -11.13 -2.88 0.94
CA LYS A 14 -11.94 -1.90 0.20
C LYS A 14 -12.89 -1.06 1.07
N LYS A 15 -13.15 -1.45 2.33
CA LYS A 15 -13.85 -0.63 3.33
C LYS A 15 -13.34 0.80 3.37
N LEU A 16 -12.02 0.97 3.30
CA LEU A 16 -11.41 2.29 3.12
C LEU A 16 -11.29 2.60 1.63
N SER A 17 -11.51 3.85 1.26
CA SER A 17 -11.41 4.39 -0.09
C SER A 17 -10.13 3.92 -0.81
N PRO A 18 -10.24 3.05 -1.84
CA PRO A 18 -9.09 2.47 -2.54
C PRO A 18 -8.30 3.50 -3.37
N GLU A 19 -8.86 4.69 -3.56
CA GLU A 19 -8.19 5.85 -4.17
C GLU A 19 -7.45 6.71 -3.13
N GLU A 20 -7.88 6.69 -1.86
CA GLU A 20 -7.29 7.50 -0.79
C GLU A 20 -5.95 6.91 -0.34
N LEU A 21 -5.86 5.57 -0.30
CA LEU A 21 -4.61 4.89 0.01
C LEU A 21 -3.56 5.17 -1.05
N ASN A 22 -3.89 4.99 -2.33
CA ASN A 22 -2.98 5.24 -3.46
C ASN A 22 -2.38 6.65 -3.42
N ARG A 23 -3.17 7.66 -3.00
CA ARG A 23 -2.69 9.01 -2.74
C ARG A 23 -1.56 9.03 -1.71
N TYR A 24 -1.86 8.55 -0.49
CA TYR A 24 -0.90 8.38 0.59
C TYR A 24 0.28 7.47 0.20
N TYR A 25 0.09 6.60 -0.78
CA TYR A 25 1.09 5.68 -1.33
C TYR A 25 2.07 6.40 -2.24
N ALA A 26 1.61 7.21 -3.20
CA ALA A 26 2.49 7.94 -4.12
C ALA A 26 3.35 8.98 -3.36
N SER A 27 2.75 9.68 -2.39
CA SER A 27 3.45 10.57 -1.46
C SER A 27 4.36 9.83 -0.46
N LEU A 28 4.33 8.49 -0.44
CA LEU A 28 5.27 7.66 0.29
C LEU A 28 6.31 7.05 -0.65
N ARG A 29 5.94 6.57 -1.85
CA ARG A 29 6.85 5.96 -2.83
C ARG A 29 7.98 6.90 -3.22
N HIS A 30 7.64 8.16 -3.54
CA HIS A 30 8.63 9.19 -3.84
C HIS A 30 9.46 9.60 -2.62
N TYR A 31 8.90 9.39 -1.42
CA TYR A 31 9.53 9.64 -0.12
C TYR A 31 10.55 8.53 0.17
N LEU A 32 10.09 7.29 0.36
CA LEU A 32 10.89 6.09 0.66
C LEU A 32 12.06 5.89 -0.32
N ASN A 33 11.94 6.42 -1.54
CA ASN A 33 13.00 6.56 -2.55
C ASN A 33 14.31 7.13 -1.97
N LEU A 34 14.20 8.06 -1.01
CA LEU A 34 15.33 8.64 -0.28
C LEU A 34 15.09 8.87 1.23
N VAL A 35 13.99 8.33 1.77
CA VAL A 35 13.63 8.41 3.20
C VAL A 35 14.01 7.13 3.95
N THR A 36 14.12 6.03 3.22
CA THR A 36 14.43 4.69 3.76
C THR A 36 15.83 4.24 3.40
N ARG A 37 16.43 4.87 2.38
CA ARG A 37 17.81 4.63 1.95
C ARG A 37 18.84 5.01 3.01
N GLN A 38 18.40 5.77 4.02
CA GLN A 38 19.18 6.22 5.16
C GLN A 38 18.46 6.04 6.51
N ARG A 39 17.31 5.33 6.52
CA ARG A 39 16.44 5.11 7.70
C ARG A 39 15.47 3.96 7.45
N TYR A 40 15.99 2.72 7.47
CA TYR A 40 15.20 1.51 7.27
C TYR A 40 14.89 0.82 8.62
N TYR A 1 4.23 -14.60 -4.30
CA TYR A 1 2.97 -14.50 -5.06
C TYR A 1 1.78 -14.67 -4.11
N LEU A 2 1.25 -13.56 -3.57
CA LEU A 2 0.13 -13.56 -2.63
C LEU A 2 -1.05 -12.68 -3.12
N GLU A 3 -1.34 -12.73 -4.43
CA GLU A 3 -2.42 -11.95 -5.06
C GLU A 3 -3.81 -12.29 -4.49
N ARG A 4 -4.12 -13.57 -4.31
CA ARG A 4 -5.40 -14.03 -3.74
C ARG A 4 -5.65 -13.42 -2.35
N GLU A 5 -4.70 -13.65 -1.44
CA GLU A 5 -4.77 -13.14 -0.07
C GLU A 5 -4.79 -11.61 -0.08
N LEU A 6 -3.96 -10.94 -0.91
CA LEU A 6 -4.00 -9.49 -1.11
C LEU A 6 -5.43 -9.00 -1.42
N LYS A 7 -6.15 -9.71 -2.30
CA LYS A 7 -7.56 -9.40 -2.61
C LYS A 7 -8.48 -9.54 -1.39
N LYS A 8 -8.25 -10.56 -0.55
CA LYS A 8 -8.93 -10.72 0.75
C LYS A 8 -8.44 -9.73 1.82
N LEU A 9 -7.31 -9.05 1.59
CA LEU A 9 -6.69 -8.06 2.46
C LEU A 9 -7.22 -6.66 2.15
N GLU A 10 -7.19 -6.25 0.87
CA GLU A 10 -7.74 -4.98 0.42
C GLU A 10 -9.19 -4.86 0.87
N ARG A 11 -9.97 -5.94 0.85
CA ARG A 11 -11.34 -6.01 1.38
C ARG A 11 -11.48 -5.45 2.79
N GLU A 12 -10.56 -5.78 3.71
CA GLU A 12 -10.62 -5.30 5.08
C GLU A 12 -10.49 -3.78 5.14
N LEU A 13 -9.62 -3.24 4.28
CA LEU A 13 -9.30 -1.82 4.17
C LEU A 13 -10.07 -1.15 3.00
N LYS A 14 -11.07 -1.82 2.43
CA LYS A 14 -11.89 -1.37 1.29
C LYS A 14 -12.97 -0.40 1.74
N LYS A 15 -13.20 -0.29 3.06
CA LYS A 15 -14.08 0.71 3.66
C LYS A 15 -13.80 2.12 3.11
N LEU A 16 -12.52 2.42 2.85
CA LEU A 16 -12.03 3.65 2.25
C LEU A 16 -11.50 3.39 0.82
N SER A 17 -12.26 2.66 0.00
CA SER A 17 -11.98 2.25 -1.39
C SER A 17 -10.65 1.49 -1.61
N PRO A 18 -10.62 0.45 -2.45
CA PRO A 18 -9.38 -0.30 -2.69
C PRO A 18 -8.35 0.55 -3.43
N GLU A 19 -8.80 1.38 -4.38
CA GLU A 19 -7.92 2.24 -5.17
C GLU A 19 -7.45 3.48 -4.38
N GLU A 20 -8.18 3.88 -3.33
CA GLU A 20 -7.80 5.00 -2.46
C GLU A 20 -6.55 4.65 -1.63
N LEU A 21 -6.50 3.41 -1.13
CA LEU A 21 -5.35 2.93 -0.39
C LEU A 21 -4.13 2.86 -1.30
N ASN A 22 -4.25 2.22 -2.47
CA ASN A 22 -3.19 2.13 -3.47
C ASN A 22 -2.63 3.51 -3.84
N ARG A 23 -3.50 4.53 -3.94
CA ARG A 23 -3.13 5.93 -4.15
C ARG A 23 -2.18 6.44 -3.06
N TYR A 24 -2.63 6.37 -1.80
CA TYR A 24 -1.82 6.71 -0.63
C TYR A 24 -0.55 5.86 -0.51
N TYR A 25 -0.57 4.63 -1.06
CA TYR A 25 0.53 3.69 -1.12
C TYR A 25 1.61 4.13 -2.09
N ALA A 26 1.26 4.53 -3.33
CA ALA A 26 2.24 5.02 -4.30
C ALA A 26 2.96 6.28 -3.78
N SER A 27 2.21 7.22 -3.20
CA SER A 27 2.75 8.43 -2.54
C SER A 27 3.53 8.13 -1.26
N LEU A 28 3.54 6.89 -0.78
CA LEU A 28 4.36 6.40 0.31
C LEU A 28 5.54 5.57 -0.20
N ARG A 29 5.36 4.69 -1.19
CA ARG A 29 6.43 3.85 -1.76
C ARG A 29 7.59 4.70 -2.27
N HIS A 30 7.28 5.78 -2.99
CA HIS A 30 8.28 6.74 -3.43
C HIS A 30 8.91 7.51 -2.25
N TYR A 31 8.15 7.72 -1.17
CA TYR A 31 8.62 8.30 0.09
C TYR A 31 9.66 7.37 0.74
N LEU A 32 9.32 6.09 0.98
CA LEU A 32 10.20 5.14 1.66
C LEU A 32 11.55 4.92 0.94
N ASN A 33 11.58 5.23 -0.36
CA ASN A 33 12.78 5.36 -1.17
C ASN A 33 13.88 6.22 -0.52
N LEU A 34 13.48 7.24 0.26
CA LEU A 34 14.32 8.13 1.04
C LEU A 34 14.00 8.03 2.55
N VAL A 35 13.80 6.79 3.05
CA VAL A 35 13.58 6.49 4.48
C VAL A 35 14.49 5.35 4.93
N THR A 36 13.95 4.15 5.16
CA THR A 36 14.67 2.96 5.63
C THR A 36 15.82 2.57 4.71
N ARG A 37 15.66 2.79 3.40
CA ARG A 37 16.70 2.67 2.36
C ARG A 37 17.89 3.62 2.53
N GLN A 38 17.76 4.62 3.40
CA GLN A 38 18.79 5.58 3.78
C GLN A 38 18.95 5.73 5.30
N ARG A 39 18.43 4.80 6.12
CA ARG A 39 18.44 4.88 7.60
C ARG A 39 17.61 6.03 8.22
N TYR A 40 16.62 6.54 7.48
CA TYR A 40 15.67 7.58 7.89
C TYR A 40 16.36 8.91 8.25
N TYR A 1 -3.26 -24.13 -5.26
CA TYR A 1 -3.46 -22.68 -5.45
C TYR A 1 -4.41 -22.17 -4.35
N LEU A 2 -4.01 -21.13 -3.59
CA LEU A 2 -4.84 -20.49 -2.54
C LEU A 2 -4.95 -18.97 -2.74
N GLU A 3 -4.74 -18.49 -3.97
CA GLU A 3 -4.85 -17.09 -4.38
C GLU A 3 -6.27 -16.51 -4.17
N ARG A 4 -7.31 -17.33 -4.30
CA ARG A 4 -8.69 -16.91 -4.05
C ARG A 4 -8.90 -16.42 -2.61
N GLU A 5 -8.21 -17.03 -1.64
CA GLU A 5 -8.28 -16.64 -0.24
C GLU A 5 -7.77 -15.20 -0.05
N LEU A 6 -6.64 -14.85 -0.67
CA LEU A 6 -6.12 -13.47 -0.71
C LEU A 6 -7.15 -12.47 -1.26
N LYS A 7 -7.92 -12.86 -2.27
CA LYS A 7 -9.01 -12.03 -2.82
C LYS A 7 -10.15 -11.82 -1.82
N LYS A 8 -10.48 -12.86 -1.03
CA LYS A 8 -11.43 -12.77 0.09
C LYS A 8 -10.85 -12.05 1.32
N LEU A 9 -9.53 -11.85 1.36
CA LEU A 9 -8.78 -11.12 2.38
C LEU A 9 -8.72 -9.63 2.05
N GLU A 10 -8.32 -9.26 0.82
CA GLU A 10 -8.28 -7.86 0.38
C GLU A 10 -9.65 -7.18 0.50
N ARG A 11 -10.76 -7.95 0.41
CA ARG A 11 -12.12 -7.49 0.72
C ARG A 11 -12.28 -6.87 2.12
N GLU A 12 -11.46 -7.26 3.09
CA GLU A 12 -11.42 -6.67 4.43
C GLU A 12 -10.60 -5.37 4.42
N LEU A 13 -9.46 -5.35 3.73
CA LEU A 13 -8.67 -4.12 3.60
C LEU A 13 -9.35 -3.09 2.67
N LYS A 14 -10.16 -3.51 1.70
CA LYS A 14 -10.99 -2.68 0.80
C LYS A 14 -11.89 -1.69 1.56
N LYS A 15 -12.12 -1.90 2.85
CA LYS A 15 -12.91 -1.02 3.72
C LYS A 15 -12.47 0.44 3.62
N LEU A 16 -11.15 0.70 3.55
CA LEU A 16 -10.62 2.01 3.17
C LEU A 16 -10.42 2.08 1.66
N SER A 17 -10.59 3.27 1.09
CA SER A 17 -10.47 3.54 -0.35
C SER A 17 -9.14 3.00 -0.92
N PRO A 18 -9.18 1.96 -1.79
CA PRO A 18 -7.96 1.31 -2.31
C PRO A 18 -7.16 2.24 -3.24
N GLU A 19 -7.79 3.32 -3.73
CA GLU A 19 -7.14 4.36 -4.52
C GLU A 19 -6.55 5.48 -3.65
N GLU A 20 -7.01 5.64 -2.40
CA GLU A 20 -6.48 6.64 -1.45
C GLU A 20 -5.13 6.18 -0.91
N LEU A 21 -4.99 4.89 -0.59
CA LEU A 21 -3.75 4.33 -0.09
C LEU A 21 -2.62 4.45 -1.14
N ASN A 22 -2.85 3.99 -2.37
CA ASN A 22 -1.89 4.10 -3.48
C ASN A 22 -1.40 5.54 -3.67
N ARG A 23 -2.31 6.51 -3.50
CA ARG A 23 -1.99 7.94 -3.50
C ARG A 23 -0.98 8.30 -2.43
N TYR A 24 -1.32 8.01 -1.16
CA TYR A 24 -0.45 8.20 -0.01
C TYR A 24 0.89 7.44 -0.15
N TYR A 25 0.86 6.31 -0.86
CA TYR A 25 1.99 5.45 -1.19
C TYR A 25 3.02 6.16 -2.07
N ALA A 26 2.62 6.79 -3.17
CA ALA A 26 3.55 7.52 -4.03
C ALA A 26 4.23 8.68 -3.30
N SER A 27 3.47 9.42 -2.48
CA SER A 27 3.98 10.45 -1.57
C SER A 27 4.81 9.91 -0.40
N LEU A 28 4.91 8.59 -0.24
CA LEU A 28 5.79 7.92 0.71
C LEU A 28 6.98 7.28 0.00
N ARG A 29 6.80 6.68 -1.18
CA ARG A 29 7.87 6.11 -2.00
C ARG A 29 8.88 7.19 -2.38
N HIS A 30 8.42 8.26 -3.04
CA HIS A 30 9.28 9.36 -3.50
C HIS A 30 9.95 10.09 -2.33
N TYR A 31 9.26 10.15 -1.18
CA TYR A 31 9.79 10.65 0.08
C TYR A 31 10.92 9.75 0.57
N LEU A 32 10.62 8.50 0.94
CA LEU A 32 11.59 7.54 1.46
C LEU A 32 12.82 7.38 0.55
N ASN A 33 12.64 7.56 -0.77
CA ASN A 33 13.66 7.60 -1.82
C ASN A 33 14.85 8.51 -1.47
N LEU A 34 14.60 9.58 -0.69
CA LEU A 34 15.62 10.55 -0.25
C LEU A 34 15.45 11.02 1.20
N VAL A 35 14.50 10.44 1.95
CA VAL A 35 14.25 10.69 3.37
C VAL A 35 14.84 9.60 4.27
N THR A 36 15.10 8.42 3.72
CA THR A 36 15.58 7.24 4.45
C THR A 36 17.02 6.91 4.09
N ARG A 37 17.47 7.37 2.91
CA ARG A 37 18.86 7.32 2.41
C ARG A 37 19.87 8.08 3.27
N GLN A 38 19.37 8.83 4.26
CA GLN A 38 20.13 9.58 5.26
C GLN A 38 19.53 9.46 6.66
N ARG A 39 18.49 8.62 6.84
CA ARG A 39 17.77 8.46 8.10
C ARG A 39 17.00 7.13 8.14
N TYR A 40 17.74 6.05 8.38
CA TYR A 40 17.22 4.68 8.51
C TYR A 40 16.10 4.53 9.57
N TYR A 1 1.71 -15.86 2.51
CA TYR A 1 1.20 -16.85 1.54
C TYR A 1 -0.33 -16.82 1.53
N LEU A 2 -0.99 -17.79 0.87
CA LEU A 2 -2.46 -17.89 0.74
C LEU A 2 -3.06 -16.63 0.09
N GLU A 3 -2.68 -16.38 -1.18
CA GLU A 3 -3.22 -15.25 -1.95
C GLU A 3 -4.75 -15.30 -2.08
N ARG A 4 -5.35 -16.50 -2.03
CA ARG A 4 -6.81 -16.67 -2.04
C ARG A 4 -7.50 -15.95 -0.87
N GLU A 5 -7.04 -16.23 0.36
CA GLU A 5 -7.54 -15.56 1.56
C GLU A 5 -7.31 -14.05 1.46
N LEU A 6 -6.11 -13.62 1.02
CA LEU A 6 -5.80 -12.22 0.77
C LEU A 6 -6.78 -11.59 -0.24
N LYS A 7 -7.06 -12.26 -1.36
CA LYS A 7 -8.01 -11.75 -2.36
C LYS A 7 -9.40 -11.52 -1.75
N LYS A 8 -9.84 -12.46 -0.90
CA LYS A 8 -11.07 -12.34 -0.11
C LYS A 8 -11.01 -11.31 1.03
N LEU A 9 -9.83 -10.76 1.30
CA LEU A 9 -9.55 -9.72 2.30
C LEU A 9 -9.55 -8.33 1.65
N GLU A 10 -8.77 -8.14 0.58
CA GLU A 10 -8.72 -6.88 -0.17
C GLU A 10 -10.10 -6.54 -0.76
N ARG A 11 -10.88 -7.57 -1.11
CA ARG A 11 -12.29 -7.42 -1.49
C ARG A 11 -13.10 -6.61 -0.46
N GLU A 12 -12.80 -6.78 0.82
CA GLU A 12 -13.43 -5.98 1.86
C GLU A 12 -12.83 -4.58 1.90
N LEU A 13 -11.50 -4.43 1.98
CA LEU A 13 -10.79 -3.13 1.99
C LEU A 13 -11.19 -2.19 0.85
N LYS A 14 -11.65 -2.72 -0.29
CA LYS A 14 -12.35 -2.00 -1.37
C LYS A 14 -13.57 -1.17 -0.92
N LYS A 15 -14.12 -1.40 0.28
CA LYS A 15 -15.18 -0.60 0.93
C LYS A 15 -14.95 0.92 0.84
N LEU A 16 -13.68 1.35 0.88
CA LEU A 16 -13.25 2.71 0.55
C LEU A 16 -12.54 2.75 -0.82
N SER A 17 -12.53 3.94 -1.44
CA SER A 17 -11.96 4.19 -2.76
C SER A 17 -10.53 3.62 -2.91
N PRO A 18 -10.30 2.64 -3.81
CA PRO A 18 -9.00 1.98 -3.99
C PRO A 18 -7.93 2.92 -4.57
N GLU A 19 -8.33 4.10 -5.06
CA GLU A 19 -7.45 5.17 -5.54
C GLU A 19 -7.16 6.22 -4.42
N GLU A 20 -7.98 6.27 -3.36
CA GLU A 20 -7.81 7.24 -2.26
C GLU A 20 -6.80 6.74 -1.22
N LEU A 21 -6.64 5.42 -1.10
CA LEU A 21 -5.62 4.81 -0.24
C LEU A 21 -4.23 4.94 -0.86
N ASN A 22 -4.07 4.55 -2.14
CA ASN A 22 -2.79 4.69 -2.86
C ASN A 22 -2.27 6.12 -2.80
N ARG A 23 -3.16 7.12 -2.75
CA ARG A 23 -2.80 8.54 -2.55
C ARG A 23 -1.93 8.73 -1.31
N TYR A 24 -2.42 8.31 -0.14
CA TYR A 24 -1.68 8.35 1.12
C TYR A 24 -0.42 7.48 1.07
N TYR A 25 -0.40 6.47 0.20
CA TYR A 25 0.72 5.57 -0.04
C TYR A 25 1.83 6.25 -0.84
N ALA A 26 1.52 6.91 -1.95
CA ALA A 26 2.48 7.63 -2.80
C ALA A 26 3.18 8.75 -2.02
N SER A 27 2.40 9.55 -1.27
CA SER A 27 2.91 10.56 -0.33
C SER A 27 3.62 9.98 0.90
N LEU A 28 3.63 8.66 1.08
CA LEU A 28 4.48 7.96 2.05
C LEU A 28 5.67 7.27 1.38
N ARG A 29 5.56 6.86 0.11
CA ARG A 29 6.61 6.20 -0.67
C ARG A 29 7.67 7.19 -1.12
N HIS A 30 7.28 8.35 -1.66
CA HIS A 30 8.21 9.38 -2.14
C HIS A 30 9.19 9.83 -1.03
N TYR A 31 8.74 9.82 0.23
CA TYR A 31 9.60 9.99 1.38
C TYR A 31 10.68 8.91 1.42
N LEU A 32 10.35 7.70 1.89
CA LEU A 32 11.26 6.55 2.00
C LEU A 32 12.01 6.22 0.69
N ASN A 33 11.60 6.74 -0.47
CA ASN A 33 12.39 6.76 -1.70
C ASN A 33 13.78 7.36 -1.50
N LEU A 34 13.87 8.52 -0.82
CA LEU A 34 15.15 9.21 -0.54
C LEU A 34 15.46 9.22 0.98
N VAL A 35 14.41 9.19 1.81
CA VAL A 35 14.43 9.17 3.27
C VAL A 35 14.74 7.77 3.81
N THR A 36 14.84 6.76 2.94
CA THR A 36 15.38 5.40 3.20
C THR A 36 16.68 5.39 3.99
N ARG A 37 17.40 6.51 4.00
CA ARG A 37 18.58 6.77 4.83
C ARG A 37 19.82 6.13 4.24
N GLN A 38 19.90 6.19 2.90
CA GLN A 38 20.89 5.47 2.09
C GLN A 38 20.85 3.94 2.26
N ARG A 39 19.76 3.39 2.85
CA ARG A 39 19.56 1.96 3.08
C ARG A 39 18.91 1.21 1.90
N TYR A 40 19.06 1.77 0.69
CA TYR A 40 18.52 1.27 -0.58
C TYR A 40 19.34 0.09 -1.15
N TYR A 1 1.94 -19.12 0.87
CA TYR A 1 1.48 -18.04 -0.03
C TYR A 1 0.11 -17.53 0.39
N LEU A 2 -0.91 -18.40 0.43
CA LEU A 2 -2.29 -18.09 0.84
C LEU A 2 -2.90 -16.87 0.11
N GLU A 3 -2.64 -16.79 -1.21
CA GLU A 3 -3.11 -15.69 -2.07
C GLU A 3 -4.63 -15.68 -2.26
N ARG A 4 -5.27 -16.87 -2.30
CA ARG A 4 -6.72 -17.00 -2.41
C ARG A 4 -7.45 -16.26 -1.29
N GLU A 5 -6.97 -16.42 -0.06
CA GLU A 5 -7.47 -15.71 1.11
C GLU A 5 -7.21 -14.21 1.01
N LEU A 6 -6.01 -13.80 0.58
CA LEU A 6 -5.69 -12.38 0.34
C LEU A 6 -6.72 -11.73 -0.60
N LYS A 7 -7.17 -12.46 -1.63
CA LYS A 7 -8.23 -11.99 -2.52
C LYS A 7 -9.59 -11.80 -1.82
N LYS A 8 -9.93 -12.69 -0.88
CA LYS A 8 -11.10 -12.57 0.02
C LYS A 8 -10.89 -11.55 1.15
N LEU A 9 -9.68 -11.00 1.29
CA LEU A 9 -9.31 -9.96 2.24
C LEU A 9 -9.39 -8.58 1.59
N GLU A 10 -8.78 -8.40 0.42
CA GLU A 10 -8.83 -7.14 -0.34
C GLU A 10 -10.28 -6.71 -0.64
N ARG A 11 -11.19 -7.68 -0.77
CA ARG A 11 -12.65 -7.48 -0.85
C ARG A 11 -13.20 -6.58 0.27
N GLU A 12 -12.68 -6.71 1.49
CA GLU A 12 -13.04 -5.84 2.61
C GLU A 12 -12.16 -4.60 2.64
N LEU A 13 -10.85 -4.69 2.36
CA LEU A 13 -9.98 -3.50 2.30
C LEU A 13 -10.49 -2.44 1.29
N LYS A 14 -11.18 -2.86 0.22
CA LYS A 14 -11.94 -2.00 -0.71
C LYS A 14 -13.04 -1.14 -0.04
N LYS A 15 -13.42 -1.41 1.22
CA LYS A 15 -14.32 -0.56 2.02
C LYS A 15 -13.92 0.91 1.98
N LEU A 16 -12.61 1.18 1.93
CA LEU A 16 -12.05 2.50 1.74
C LEU A 16 -11.72 2.70 0.26
N SER A 17 -11.91 3.93 -0.24
CA SER A 17 -11.65 4.29 -1.64
C SER A 17 -10.28 3.75 -2.12
N PRO A 18 -10.25 2.81 -3.08
CA PRO A 18 -9.00 2.25 -3.59
C PRO A 18 -8.16 3.29 -4.36
N GLU A 19 -8.73 4.47 -4.63
CA GLU A 19 -8.09 5.61 -5.28
C GLU A 19 -7.56 6.64 -4.26
N GLU A 20 -8.02 6.59 -3.00
CA GLU A 20 -7.55 7.48 -1.94
C GLU A 20 -6.24 6.98 -1.33
N LEU A 21 -6.10 5.65 -1.17
CA LEU A 21 -4.89 5.01 -0.66
C LEU A 21 -3.71 5.25 -1.59
N ASN A 22 -3.87 5.00 -2.91
CA ASN A 22 -2.84 5.28 -3.92
C ASN A 22 -2.32 6.72 -3.82
N ARG A 23 -3.22 7.67 -3.56
CA ARG A 23 -2.89 9.09 -3.38
C ARG A 23 -1.94 9.34 -2.21
N TYR A 24 -2.28 8.79 -1.04
CA TYR A 24 -1.41 8.76 0.14
C TYR A 24 -0.14 7.95 -0.07
N TYR A 25 -0.17 6.98 -0.99
CA TYR A 25 0.94 6.11 -1.36
C TYR A 25 2.07 6.88 -2.03
N ALA A 26 1.77 7.75 -3.00
CA ALA A 26 2.80 8.57 -3.66
C ALA A 26 3.51 9.49 -2.66
N SER A 27 2.73 10.09 -1.75
CA SER A 27 3.21 10.90 -0.63
C SER A 27 3.98 10.09 0.44
N LEU A 28 3.95 8.76 0.36
CA LEU A 28 4.71 7.84 1.20
C LEU A 28 5.92 7.26 0.45
N ARG A 29 5.82 6.99 -0.85
CA ARG A 29 6.92 6.48 -1.67
C ARG A 29 8.11 7.42 -1.65
N HIS A 30 7.84 8.73 -1.81
CA HIS A 30 8.88 9.77 -1.69
C HIS A 30 9.39 9.94 -0.25
N TYR A 31 8.54 9.63 0.74
CA TYR A 31 8.92 9.62 2.15
C TYR A 31 10.02 8.60 2.39
N LEU A 32 9.76 7.32 2.05
CA LEU A 32 10.72 6.22 2.22
C LEU A 32 12.01 6.41 1.40
N ASN A 33 11.93 7.20 0.33
CA ASN A 33 13.09 7.63 -0.46
C ASN A 33 14.18 8.26 0.42
N LEU A 34 13.77 8.96 1.50
CA LEU A 34 14.67 9.60 2.46
C LEU A 34 14.76 8.80 3.77
N VAL A 35 14.60 7.48 3.67
CA VAL A 35 14.63 6.53 4.80
C VAL A 35 15.55 5.37 4.42
N THR A 36 15.01 4.17 4.24
CA THR A 36 15.71 2.93 3.91
C THR A 36 16.57 3.06 2.66
N ARG A 37 16.11 3.84 1.68
CA ARG A 37 16.87 4.21 0.46
C ARG A 37 18.14 5.02 0.73
N GLN A 38 18.27 5.53 1.95
CA GLN A 38 19.37 6.31 2.48
C GLN A 38 19.84 5.80 3.86
N ARG A 39 19.54 4.53 4.21
CA ARG A 39 19.91 3.91 5.49
C ARG A 39 19.37 4.67 6.70
N TYR A 40 18.28 5.42 6.54
CA TYR A 40 17.57 6.25 7.52
C TYR A 40 18.45 7.23 8.33
N TYR A 1 -0.86 -20.52 -5.37
CA TYR A 1 -2.22 -21.00 -5.03
C TYR A 1 -2.95 -20.04 -4.09
N LEU A 2 -2.25 -19.55 -3.06
CA LEU A 2 -2.76 -18.54 -2.12
C LEU A 2 -2.91 -17.16 -2.81
N GLU A 3 -3.91 -17.07 -3.69
CA GLU A 3 -4.30 -15.88 -4.44
C GLU A 3 -5.62 -15.30 -3.90
N ARG A 4 -6.66 -16.13 -3.73
CA ARG A 4 -7.94 -15.69 -3.14
C ARG A 4 -7.76 -15.03 -1.77
N GLU A 5 -6.80 -15.52 -0.97
CA GLU A 5 -6.43 -14.92 0.32
C GLU A 5 -6.15 -13.41 0.19
N LEU A 6 -5.60 -12.96 -0.94
CA LEU A 6 -5.29 -11.56 -1.25
C LEU A 6 -6.57 -10.78 -1.53
N LYS A 7 -7.56 -11.38 -2.20
CA LYS A 7 -8.88 -10.77 -2.43
C LYS A 7 -9.62 -10.56 -1.10
N LYS A 8 -9.53 -11.55 -0.20
CA LYS A 8 -10.04 -11.43 1.18
C LYS A 8 -9.22 -10.50 2.08
N LEU A 9 -8.06 -10.04 1.59
CA LEU A 9 -7.17 -9.08 2.26
C LEU A 9 -7.45 -7.66 1.76
N GLU A 10 -7.40 -7.44 0.44
CA GLU A 10 -7.72 -6.14 -0.17
C GLU A 10 -9.11 -5.66 0.25
N ARG A 11 -10.04 -6.59 0.56
CA ARG A 11 -11.36 -6.27 1.12
C ARG A 11 -11.30 -5.40 2.38
N GLU A 12 -10.42 -5.74 3.33
CA GLU A 12 -10.26 -4.93 4.53
C GLU A 12 -9.55 -3.62 4.19
N LEU A 13 -8.53 -3.67 3.32
CA LEU A 13 -7.77 -2.50 2.87
C LEU A 13 -8.61 -1.51 2.03
N LYS A 14 -9.70 -2.00 1.41
CA LYS A 14 -10.74 -1.22 0.72
C LYS A 14 -11.47 -0.23 1.66
N LYS A 15 -11.25 -0.30 2.98
CA LYS A 15 -11.74 0.71 3.96
C LYS A 15 -11.46 2.14 3.50
N LEU A 16 -10.28 2.36 2.93
CA LEU A 16 -9.84 3.62 2.34
C LEU A 16 -9.71 3.50 0.82
N SER A 17 -10.67 2.82 0.18
CA SER A 17 -10.74 2.48 -1.24
C SER A 17 -9.52 1.75 -1.83
N PRO A 18 -9.70 0.94 -2.89
CA PRO A 18 -8.57 0.24 -3.50
C PRO A 18 -7.68 1.21 -4.31
N GLU A 19 -8.30 2.17 -5.01
CA GLU A 19 -7.56 3.18 -5.77
C GLU A 19 -6.88 4.20 -4.85
N GLU A 20 -7.56 4.64 -3.78
CA GLU A 20 -7.00 5.59 -2.81
C GLU A 20 -5.75 5.01 -2.13
N LEU A 21 -5.66 3.68 -1.97
CA LEU A 21 -4.47 3.03 -1.41
C LEU A 21 -3.26 3.12 -2.35
N ASN A 22 -3.44 2.70 -3.61
CA ASN A 22 -2.39 2.82 -4.62
C ASN A 22 -1.98 4.29 -4.81
N ARG A 23 -2.94 5.22 -4.68
CA ARG A 23 -2.68 6.66 -4.67
C ARG A 23 -1.86 7.10 -3.45
N TYR A 24 -2.12 6.49 -2.29
CA TYR A 24 -1.35 6.71 -1.07
C TYR A 24 0.10 6.24 -1.21
N TYR A 25 0.32 5.22 -2.06
CA TYR A 25 1.61 4.59 -2.33
C TYR A 25 2.59 5.55 -3.00
N ALA A 26 2.18 6.34 -3.99
CA ALA A 26 3.07 7.30 -4.67
C ALA A 26 3.62 8.36 -3.70
N SER A 27 2.71 8.93 -2.88
CA SER A 27 3.05 9.81 -1.76
C SER A 27 3.93 9.16 -0.70
N LEU A 28 4.00 7.83 -0.67
CA LEU A 28 4.90 7.06 0.16
C LEU A 28 6.21 6.81 -0.58
N ARG A 29 6.20 6.30 -1.80
CA ARG A 29 7.38 5.89 -2.56
C ARG A 29 8.41 7.02 -2.63
N HIS A 30 7.90 8.23 -2.86
CA HIS A 30 8.68 9.45 -2.80
C HIS A 30 9.08 9.82 -1.37
N TYR A 31 8.17 9.71 -0.38
CA TYR A 31 8.44 9.97 1.04
C TYR A 31 9.50 9.05 1.63
N LEU A 32 9.37 7.73 1.48
CA LEU A 32 10.31 6.69 1.92
C LEU A 32 11.74 7.07 1.54
N ASN A 33 11.91 7.66 0.33
CA ASN A 33 13.16 8.17 -0.23
C ASN A 33 13.90 9.15 0.69
N LEU A 34 13.17 9.91 1.50
CA LEU A 34 13.70 10.83 2.51
C LEU A 34 13.36 10.39 3.95
N VAL A 35 13.20 9.07 4.17
CA VAL A 35 12.86 8.45 5.44
C VAL A 35 13.68 7.16 5.59
N THR A 36 13.03 6.00 5.52
CA THR A 36 13.62 4.67 5.75
C THR A 36 14.60 4.29 4.64
N ARG A 37 14.51 4.93 3.46
CA ARG A 37 15.48 4.79 2.36
C ARG A 37 16.89 5.20 2.75
N GLN A 38 17.00 5.99 3.81
CA GLN A 38 18.26 6.49 4.35
C GLN A 38 18.44 6.16 5.84
N ARG A 39 17.68 5.19 6.39
CA ARG A 39 17.70 4.80 7.81
C ARG A 39 17.29 5.94 8.77
N TYR A 40 16.47 6.89 8.28
CA TYR A 40 15.93 8.01 9.04
C TYR A 40 17.03 8.88 9.69
N TYR A 1 -3.77 -19.52 -7.35
CA TYR A 1 -3.87 -20.19 -6.03
C TYR A 1 -3.81 -19.18 -4.89
N LEU A 2 -2.75 -18.35 -4.83
CA LEU A 2 -2.52 -17.32 -3.80
C LEU A 2 -3.74 -16.41 -3.60
N GLU A 3 -4.57 -16.25 -4.63
CA GLU A 3 -5.86 -15.57 -4.59
C GLU A 3 -6.75 -16.14 -3.48
N ARG A 4 -7.02 -17.46 -3.46
CA ARG A 4 -7.87 -18.08 -2.43
C ARG A 4 -7.30 -17.75 -1.04
N GLU A 5 -8.18 -17.34 -0.12
CA GLU A 5 -7.91 -16.87 1.24
C GLU A 5 -7.65 -15.35 1.25
N LEU A 6 -6.83 -14.86 0.32
CA LEU A 6 -6.52 -13.43 0.13
C LEU A 6 -7.66 -12.67 -0.57
N LYS A 7 -8.39 -13.30 -1.49
CA LYS A 7 -9.50 -12.70 -2.25
C LYS A 7 -10.67 -12.32 -1.34
N LYS A 8 -10.90 -13.14 -0.31
CA LYS A 8 -11.81 -12.87 0.81
C LYS A 8 -11.25 -11.88 1.84
N LEU A 9 -9.98 -11.48 1.69
CA LEU A 9 -9.30 -10.48 2.52
C LEU A 9 -9.29 -9.11 1.82
N GLU A 10 -8.84 -9.05 0.56
CA GLU A 10 -8.85 -7.83 -0.24
C GLU A 10 -10.28 -7.27 -0.36
N ARG A 11 -11.31 -8.14 -0.36
CA ARG A 11 -12.70 -7.71 -0.28
C ARG A 11 -12.98 -6.79 0.92
N GLU A 12 -12.48 -7.15 2.10
CA GLU A 12 -12.63 -6.31 3.29
C GLU A 12 -11.67 -5.13 3.25
N LEU A 13 -10.42 -5.30 2.84
CA LEU A 13 -9.46 -4.20 2.71
C LEU A 13 -9.93 -3.11 1.72
N LYS A 14 -10.63 -3.51 0.65
CA LYS A 14 -11.31 -2.63 -0.32
C LYS A 14 -12.40 -1.76 0.31
N LYS A 15 -12.83 -2.02 1.56
CA LYS A 15 -13.73 -1.15 2.32
C LYS A 15 -13.27 0.31 2.23
N LEU A 16 -11.96 0.54 2.35
CA LEU A 16 -11.37 1.86 2.16
C LEU A 16 -11.05 2.06 0.68
N SER A 17 -11.21 3.29 0.18
CA SER A 17 -10.95 3.61 -1.23
C SER A 17 -9.58 3.06 -1.69
N PRO A 18 -9.57 2.14 -2.67
CA PRO A 18 -8.33 1.54 -3.17
C PRO A 18 -7.48 2.55 -3.95
N GLU A 19 -8.04 3.71 -4.32
CA GLU A 19 -7.34 4.82 -4.95
C GLU A 19 -6.75 5.80 -3.92
N GLU A 20 -7.39 5.94 -2.76
CA GLU A 20 -6.94 6.86 -1.69
C GLU A 20 -5.65 6.36 -1.04
N LEU A 21 -5.53 5.04 -0.85
CA LEU A 21 -4.31 4.43 -0.32
C LEU A 21 -3.14 4.65 -1.27
N ASN A 22 -3.29 4.34 -2.56
CA ASN A 22 -2.25 4.53 -3.58
C ASN A 22 -1.74 5.98 -3.61
N ARG A 23 -2.65 6.94 -3.41
CA ARG A 23 -2.32 8.37 -3.31
C ARG A 23 -1.41 8.67 -2.13
N TYR A 24 -1.83 8.27 -0.92
CA TYR A 24 -1.00 8.34 0.28
C TYR A 24 0.29 7.52 0.18
N TYR A 25 0.31 6.50 -0.67
CA TYR A 25 1.45 5.63 -0.96
C TYR A 25 2.57 6.40 -1.66
N ALA A 26 2.27 7.16 -2.72
CA ALA A 26 3.27 7.98 -3.40
C ALA A 26 3.90 9.02 -2.45
N SER A 27 3.07 9.68 -1.63
CA SER A 27 3.53 10.58 -0.57
C SER A 27 4.37 9.89 0.53
N LEU A 28 4.36 8.56 0.59
CA LEU A 28 5.20 7.76 1.48
C LEU A 28 6.42 7.18 0.75
N ARG A 29 6.29 6.82 -0.52
CA ARG A 29 7.35 6.24 -1.35
C ARG A 29 8.37 7.26 -1.82
N HIS A 30 7.90 8.46 -2.20
CA HIS A 30 8.77 9.58 -2.59
C HIS A 30 9.74 9.96 -1.48
N TYR A 31 9.29 9.82 -0.23
CA TYR A 31 10.14 9.89 0.95
C TYR A 31 11.21 8.81 0.87
N LEU A 32 10.84 7.52 0.86
CA LEU A 32 11.79 6.39 0.94
C LEU A 32 12.96 6.52 -0.03
N ASN A 33 12.76 7.17 -1.19
CA ASN A 33 13.77 7.62 -2.15
C ASN A 33 15.04 8.19 -1.47
N LEU A 34 14.87 9.01 -0.42
CA LEU A 34 15.95 9.57 0.39
C LEU A 34 15.68 9.53 1.91
N VAL A 35 14.68 8.75 2.35
CA VAL A 35 14.31 8.52 3.76
C VAL A 35 14.90 7.21 4.31
N THR A 36 15.26 6.28 3.45
CA THR A 36 15.86 5.00 3.86
C THR A 36 17.36 4.94 3.63
N ARG A 37 17.82 5.60 2.55
CA ARG A 37 19.25 5.79 2.22
C ARG A 37 20.06 6.51 3.27
N GLN A 38 19.39 7.24 4.16
CA GLN A 38 19.97 7.94 5.29
C GLN A 38 19.76 7.25 6.64
N ARG A 39 19.12 6.07 6.64
CA ARG A 39 18.71 5.35 7.85
C ARG A 39 18.01 6.29 8.85
N TYR A 40 16.90 6.90 8.40
CA TYR A 40 16.08 7.83 9.22
C TYR A 40 15.62 7.24 10.58
N TYR A 1 0.39 -21.27 -3.45
CA TYR A 1 -0.85 -20.72 -4.03
C TYR A 1 -1.58 -19.80 -3.04
N LEU A 2 -0.90 -18.79 -2.47
CA LEU A 2 -1.51 -17.89 -1.49
C LEU A 2 -2.44 -16.85 -2.16
N GLU A 3 -3.38 -17.34 -2.98
CA GLU A 3 -4.37 -16.57 -3.72
C GLU A 3 -5.60 -16.32 -2.86
N ARG A 4 -6.28 -17.37 -2.36
CA ARG A 4 -7.52 -17.22 -1.56
C ARG A 4 -7.33 -16.24 -0.41
N GLU A 5 -6.25 -16.41 0.35
CA GLU A 5 -5.83 -15.52 1.43
C GLU A 5 -5.63 -14.08 0.93
N LEU A 6 -4.86 -13.87 -0.14
CA LEU A 6 -4.69 -12.56 -0.81
C LEU A 6 -6.03 -11.97 -1.23
N LYS A 7 -6.90 -12.74 -1.88
CA LYS A 7 -8.23 -12.30 -2.32
C LYS A 7 -9.11 -11.89 -1.14
N LYS A 8 -9.03 -12.64 -0.03
CA LYS A 8 -9.62 -12.28 1.28
C LYS A 8 -8.88 -11.15 2.00
N LEU A 9 -7.71 -10.75 1.52
CA LEU A 9 -6.92 -9.63 2.01
C LEU A 9 -7.30 -8.35 1.25
N GLU A 10 -7.20 -8.34 -0.08
CA GLU A 10 -7.55 -7.19 -0.93
C GLU A 10 -8.98 -6.73 -0.63
N ARG A 11 -9.90 -7.67 -0.33
CA ARG A 11 -11.27 -7.38 0.11
C ARG A 11 -11.35 -6.58 1.41
N GLU A 12 -10.54 -6.94 2.41
CA GLU A 12 -10.52 -6.27 3.71
C GLU A 12 -9.69 -4.99 3.64
N LEU A 13 -8.50 -5.00 3.03
CA LEU A 13 -7.70 -3.81 2.75
C LEU A 13 -8.51 -2.74 1.99
N LYS A 14 -9.35 -3.15 1.01
CA LYS A 14 -10.30 -2.28 0.29
C LYS A 14 -11.27 -1.52 1.22
N LYS A 15 -11.40 -1.86 2.51
CA LYS A 15 -12.13 -1.07 3.52
C LYS A 15 -11.70 0.39 3.54
N LEU A 16 -10.43 0.67 3.25
CA LEU A 16 -9.94 2.04 3.02
C LEU A 16 -9.90 2.31 1.51
N SER A 17 -10.21 3.55 1.11
CA SER A 17 -10.23 4.01 -0.28
C SER A 17 -8.95 3.59 -1.04
N PRO A 18 -9.04 2.67 -2.02
CA PRO A 18 -7.85 2.17 -2.73
C PRO A 18 -7.17 3.25 -3.59
N GLU A 19 -7.86 4.37 -3.83
CA GLU A 19 -7.34 5.57 -4.50
C GLU A 19 -6.68 6.56 -3.52
N GLU A 20 -7.01 6.49 -2.22
CA GLU A 20 -6.44 7.39 -1.21
C GLU A 20 -5.02 6.93 -0.82
N LEU A 21 -4.82 5.61 -0.73
CA LEU A 21 -3.52 5.02 -0.43
C LEU A 21 -2.50 5.37 -1.52
N ASN A 22 -2.80 5.12 -2.81
CA ASN A 22 -1.94 5.43 -3.95
C ASN A 22 -1.45 6.89 -3.94
N ARG A 23 -2.33 7.80 -3.53
CA ARG A 23 -2.03 9.23 -3.35
C ARG A 23 -0.95 9.45 -2.28
N TYR A 24 -1.17 8.95 -1.07
CA TYR A 24 -0.17 8.92 0.00
C TYR A 24 1.09 8.15 -0.40
N TYR A 25 0.95 7.17 -1.29
CA TYR A 25 2.02 6.33 -1.82
C TYR A 25 2.97 7.13 -2.71
N ALA A 26 2.47 7.97 -3.62
CA ALA A 26 3.34 8.83 -4.44
C ALA A 26 4.18 9.79 -3.59
N SER A 27 3.55 10.43 -2.59
CA SER A 27 4.24 11.28 -1.61
C SER A 27 5.17 10.51 -0.66
N LEU A 28 5.13 9.17 -0.68
CA LEU A 28 6.03 8.30 0.05
C LEU A 28 7.11 7.68 -0.86
N ARG A 29 6.79 7.35 -2.11
CA ARG A 29 7.71 6.76 -3.08
C ARG A 29 8.88 7.68 -3.40
N HIS A 30 8.59 8.98 -3.56
CA HIS A 30 9.63 10.00 -3.70
C HIS A 30 10.37 10.26 -2.38
N TYR A 31 9.74 9.96 -1.24
CA TYR A 31 10.33 10.05 0.09
C TYR A 31 11.35 8.94 0.28
N LEU A 32 10.91 7.67 0.30
CA LEU A 32 11.75 6.49 0.46
C LEU A 32 12.93 6.43 -0.53
N ASN A 33 12.87 7.14 -1.66
CA ASN A 33 14.01 7.44 -2.54
C ASN A 33 15.28 7.83 -1.77
N LEU A 34 15.15 8.73 -0.78
CA LEU A 34 16.26 9.15 0.09
C LEU A 34 15.94 9.04 1.59
N VAL A 35 14.77 8.47 1.93
CA VAL A 35 14.26 8.28 3.30
C VAL A 35 14.17 6.79 3.66
N THR A 36 14.48 5.90 2.71
CA THR A 36 14.70 4.45 2.88
C THR A 36 15.49 4.10 4.13
N ARG A 37 16.43 4.97 4.51
CA ARG A 37 17.22 4.95 5.76
C ARG A 37 16.40 4.71 7.02
N GLN A 38 15.11 5.05 6.96
CA GLN A 38 14.10 4.83 7.96
C GLN A 38 12.76 4.37 7.38
N ARG A 39 12.69 4.05 6.08
CA ARG A 39 11.46 3.63 5.41
C ARG A 39 11.73 2.54 4.38
N TYR A 40 12.22 1.38 4.83
CA TYR A 40 12.50 0.18 4.01
C TYR A 40 13.59 0.42 2.95
N TYR A 1 -3.63 -25.25 -1.97
CA TYR A 1 -4.75 -24.40 -1.51
C TYR A 1 -4.33 -22.94 -1.66
N LEU A 2 -4.96 -22.01 -0.93
CA LEU A 2 -4.61 -20.60 -0.91
C LEU A 2 -4.79 -19.98 -2.30
N GLU A 3 -6.01 -20.07 -2.83
CA GLU A 3 -6.36 -19.59 -4.17
C GLU A 3 -7.61 -18.68 -4.10
N ARG A 4 -8.76 -19.25 -3.72
CA ARG A 4 -10.00 -18.49 -3.60
C ARG A 4 -10.04 -17.64 -2.33
N GLU A 5 -9.58 -18.21 -1.22
CA GLU A 5 -9.45 -17.49 0.05
C GLU A 5 -8.72 -16.16 -0.11
N LEU A 6 -7.74 -16.10 -1.04
CA LEU A 6 -6.96 -14.92 -1.37
C LEU A 6 -7.83 -13.82 -1.98
N LYS A 7 -8.78 -14.19 -2.86
CA LYS A 7 -9.73 -13.25 -3.43
C LYS A 7 -10.63 -12.66 -2.34
N LYS A 8 -11.05 -13.50 -1.39
CA LYS A 8 -11.79 -13.07 -0.20
C LYS A 8 -10.93 -12.33 0.85
N LEU A 9 -9.61 -12.26 0.62
CA LEU A 9 -8.60 -11.60 1.45
C LEU A 9 -8.28 -10.21 0.89
N GLU A 10 -7.97 -10.11 -0.41
CA GLU A 10 -7.73 -8.84 -1.08
C GLU A 10 -8.93 -7.89 -0.94
N ARG A 11 -10.14 -8.45 -0.80
CA ARG A 11 -11.35 -7.69 -0.49
C ARG A 11 -11.20 -6.82 0.76
N GLU A 12 -10.67 -7.39 1.84
CA GLU A 12 -10.46 -6.69 3.12
C GLU A 12 -9.43 -5.55 3.00
N LEU A 13 -8.53 -5.64 2.00
CA LEU A 13 -7.60 -4.57 1.61
C LEU A 13 -8.27 -3.52 0.73
N LYS A 14 -8.91 -3.94 -0.38
CA LYS A 14 -9.67 -3.04 -1.26
C LYS A 14 -10.83 -2.33 -0.55
N LYS A 15 -11.22 -2.81 0.63
CA LYS A 15 -12.22 -2.21 1.52
C LYS A 15 -12.04 -0.69 1.67
N LEU A 16 -10.78 -0.26 1.83
CA LEU A 16 -10.39 1.13 1.84
C LEU A 16 -10.06 1.56 0.41
N SER A 17 -10.53 2.76 0.04
CA SER A 17 -10.38 3.35 -1.30
C SER A 17 -8.98 3.10 -1.89
N PRO A 18 -8.85 2.26 -2.93
CA PRO A 18 -7.57 1.91 -3.54
C PRO A 18 -6.89 3.10 -4.24
N GLU A 19 -7.59 4.23 -4.33
CA GLU A 19 -7.09 5.50 -4.84
C GLU A 19 -6.67 6.48 -3.70
N GLU A 20 -7.15 6.24 -2.46
CA GLU A 20 -6.83 7.10 -1.31
C GLU A 20 -5.48 6.71 -0.69
N LEU A 21 -5.19 5.41 -0.64
CA LEU A 21 -3.91 4.91 -0.18
C LEU A 21 -2.78 5.42 -1.07
N ASN A 22 -2.86 5.20 -2.39
CA ASN A 22 -1.88 5.70 -3.36
C ASN A 22 -1.50 7.17 -3.12
N ARG A 23 -2.48 8.00 -2.76
CA ARG A 23 -2.27 9.40 -2.41
C ARG A 23 -1.27 9.58 -1.27
N TYR A 24 -1.61 9.04 -0.10
CA TYR A 24 -0.72 8.98 1.07
C TYR A 24 0.56 8.19 0.81
N TYR A 25 0.53 7.30 -0.19
CA TYR A 25 1.64 6.47 -0.64
C TYR A 25 2.65 7.30 -1.42
N ALA A 26 2.23 8.17 -2.34
CA ALA A 26 3.15 9.00 -3.12
C ALA A 26 3.91 9.96 -2.20
N SER A 27 3.20 10.57 -1.24
CA SER A 27 3.80 11.40 -0.17
C SER A 27 4.76 10.64 0.75
N LEU A 28 4.76 9.31 0.72
CA LEU A 28 5.67 8.43 1.45
C LEU A 28 6.78 7.89 0.56
N ARG A 29 6.46 7.39 -0.64
CA ARG A 29 7.42 6.87 -1.61
C ARG A 29 8.41 7.95 -2.04
N HIS A 30 7.92 9.18 -2.25
CA HIS A 30 8.76 10.33 -2.56
C HIS A 30 9.78 10.61 -1.46
N TYR A 31 9.37 10.41 -0.20
CA TYR A 31 10.29 10.46 0.93
C TYR A 31 11.36 9.40 0.75
N LEU A 32 10.98 8.11 0.69
CA LEU A 32 11.91 6.98 0.64
C LEU A 32 12.99 7.14 -0.44
N ASN A 33 12.71 7.91 -1.51
CA ASN A 33 13.71 8.38 -2.46
C ASN A 33 15.02 8.85 -1.82
N LEU A 34 14.95 9.62 -0.72
CA LEU A 34 16.09 10.12 0.05
C LEU A 34 15.91 9.99 1.58
N VAL A 35 14.92 9.22 2.02
CA VAL A 35 14.61 8.98 3.43
C VAL A 35 15.18 7.66 3.92
N THR A 36 15.52 6.74 3.04
CA THR A 36 16.14 5.45 3.39
C THR A 36 17.65 5.48 3.24
N ARG A 37 18.15 6.24 2.26
CA ARG A 37 19.59 6.48 2.05
C ARG A 37 20.28 7.20 3.23
N GLN A 38 19.46 7.77 4.12
CA GLN A 38 19.84 8.49 5.33
C GLN A 38 19.25 7.83 6.59
N ARG A 39 18.83 6.55 6.51
CA ARG A 39 18.29 5.79 7.65
C ARG A 39 17.12 6.49 8.36
N TYR A 40 16.35 7.27 7.60
CA TYR A 40 15.23 8.08 8.08
C TYR A 40 15.68 9.02 9.21
N TYR A 1 -1.67 -22.37 -4.42
CA TYR A 1 -1.92 -21.87 -3.05
C TYR A 1 -2.34 -20.40 -3.12
N LEU A 2 -2.62 -19.76 -1.98
CA LEU A 2 -2.98 -18.34 -1.87
C LEU A 2 -4.25 -18.02 -2.69
N GLU A 3 -5.40 -18.41 -2.14
CA GLU A 3 -6.73 -18.20 -2.71
C GLU A 3 -7.52 -17.24 -1.82
N ARG A 4 -7.86 -17.67 -0.61
CA ARG A 4 -8.65 -16.86 0.32
C ARG A 4 -7.93 -15.60 0.78
N GLU A 5 -6.63 -15.72 1.10
CA GLU A 5 -5.79 -14.60 1.49
C GLU A 5 -5.81 -13.49 0.44
N LEU A 6 -5.63 -13.83 -0.84
CA LEU A 6 -5.75 -12.91 -1.96
C LEU A 6 -7.14 -12.27 -1.99
N LYS A 7 -8.19 -13.08 -1.84
CA LYS A 7 -9.56 -12.56 -1.84
C LYS A 7 -9.81 -11.56 -0.69
N LYS A 8 -9.25 -11.85 0.50
CA LYS A 8 -9.21 -10.93 1.64
C LYS A 8 -8.34 -9.69 1.39
N LEU A 9 -7.34 -9.80 0.51
CA LEU A 9 -6.41 -8.74 0.13
C LEU A 9 -7.04 -7.76 -0.84
N GLU A 10 -7.62 -8.25 -1.96
CA GLU A 10 -8.32 -7.42 -2.93
C GLU A 10 -9.48 -6.66 -2.28
N ARG A 11 -10.14 -7.29 -1.29
CA ARG A 11 -11.11 -6.60 -0.44
C ARG A 11 -10.46 -5.47 0.33
N GLU A 12 -9.39 -5.74 1.10
CA GLU A 12 -8.71 -4.74 1.94
C GLU A 12 -8.37 -3.44 1.18
N LEU A 13 -8.05 -3.54 -0.11
CA LEU A 13 -7.84 -2.40 -1.00
C LEU A 13 -9.12 -1.56 -1.15
N LYS A 14 -10.15 -2.09 -1.84
CA LYS A 14 -11.45 -1.43 -2.02
C LYS A 14 -12.15 -1.07 -0.70
N LYS A 15 -11.84 -1.78 0.40
CA LYS A 15 -12.34 -1.51 1.76
C LYS A 15 -12.24 -0.03 2.15
N LEU A 16 -11.15 0.60 1.71
CA LEU A 16 -10.88 2.03 1.84
C LEU A 16 -10.60 2.66 0.48
N SER A 17 -11.35 2.30 -0.57
CA SER A 17 -11.23 2.81 -1.95
C SER A 17 -9.86 2.54 -2.63
N PRO A 18 -9.85 2.14 -3.91
CA PRO A 18 -8.60 1.86 -4.61
C PRO A 18 -7.77 3.12 -4.85
N GLU A 19 -8.42 4.26 -5.15
CA GLU A 19 -7.75 5.54 -5.37
C GLU A 19 -7.32 6.23 -4.06
N GLU A 20 -7.80 5.74 -2.91
CA GLU A 20 -7.44 6.25 -1.58
C GLU A 20 -6.15 5.62 -1.08
N LEU A 21 -5.94 4.32 -1.34
CA LEU A 21 -4.70 3.65 -0.94
C LEU A 21 -3.51 4.24 -1.71
N ASN A 22 -3.61 4.36 -3.04
CA ASN A 22 -2.58 4.99 -3.87
C ASN A 22 -2.23 6.41 -3.38
N ARG A 23 -3.23 7.15 -2.89
CA ARG A 23 -3.01 8.48 -2.30
C ARG A 23 -2.03 8.40 -1.12
N TYR A 24 -2.36 7.59 -0.13
CA TYR A 24 -1.53 7.32 1.04
C TYR A 24 -0.19 6.67 0.67
N TYR A 25 -0.14 6.00 -0.48
CA TYR A 25 1.05 5.38 -1.04
C TYR A 25 2.08 6.42 -1.47
N ALA A 26 1.68 7.50 -2.17
CA ALA A 26 2.60 8.56 -2.54
C ALA A 26 3.19 9.25 -1.30
N SER A 27 2.37 9.53 -0.28
CA SER A 27 2.81 10.05 1.02
C SER A 27 3.72 9.10 1.80
N LEU A 28 3.87 7.84 1.35
CA LEU A 28 4.80 6.86 1.89
C LEU A 28 6.01 6.66 0.97
N ARG A 29 5.83 6.63 -0.35
CA ARG A 29 6.93 6.51 -1.33
C ARG A 29 7.83 7.74 -1.32
N HIS A 30 7.23 8.93 -1.23
CA HIS A 30 7.96 10.20 -1.18
C HIS A 30 8.87 10.27 0.05
N TYR A 31 8.46 9.63 1.16
CA TYR A 31 9.34 9.41 2.29
C TYR A 31 10.52 8.55 1.86
N LEU A 32 10.31 7.32 1.38
CA LEU A 32 11.41 6.39 1.06
C LEU A 32 12.44 6.98 0.09
N ASN A 33 12.07 7.98 -0.70
CA ASN A 33 12.99 8.82 -1.47
C ASN A 33 14.20 9.32 -0.63
N LEU A 34 13.97 9.67 0.64
CA LEU A 34 14.95 10.23 1.59
C LEU A 34 14.87 9.59 3.00
N VAL A 35 14.01 8.58 3.20
CA VAL A 35 13.79 7.83 4.45
C VAL A 35 14.54 6.51 4.47
N THR A 36 15.00 6.01 3.32
CA THR A 36 15.84 4.81 3.27
C THR A 36 17.28 5.13 2.88
N ARG A 37 17.48 6.07 1.96
CA ARG A 37 18.81 6.60 1.58
C ARG A 37 19.61 7.22 2.73
N GLN A 38 18.95 7.45 3.87
CA GLN A 38 19.53 7.96 5.10
C GLN A 38 19.07 7.20 6.36
N ARG A 39 18.34 6.08 6.20
CA ARG A 39 17.80 5.29 7.32
C ARG A 39 17.36 3.87 6.90
N TYR A 40 18.32 3.05 6.47
CA TYR A 40 18.07 1.68 5.97
C TYR A 40 19.28 0.75 6.12
#